data_3UXJ
#
_entry.id   3UXJ
#
_cell.length_a   71.387
_cell.length_b   71.416
_cell.length_c   71.358
_cell.angle_alpha   110.01
_cell.angle_beta   119.54
_cell.angle_gamma   99.46
#
_symmetry.space_group_name_H-M   'P 1'
#
loop_
_entity.id
_entity.type
_entity.pdbx_description
1 polymer 'NADPH-dependent 7-cyano-7-deazaguanine reductase'
2 non-polymer 7-DEAZA-7-AMINOMETHYL-GUANINE
3 non-polymer 'NADP NICOTINAMIDE-ADENINE-DINUCLEOTIDE PHOSPHATE'
4 non-polymer 1,2-ETHANEDIOL
5 water water
#
_entity_poly.entity_id   1
_entity_poly.type   'polypeptide(L)'
_entity_poly.pdbx_seq_one_letter_code
;SNA(MSE)NRLKN(MSE)SKYSDAKELASLTLGKKTEYANQYDPSLLQPVPRSLNRNDLHLSATLPFQGCDIWTLYELSW
LNQKGLPQVAIGEVSIPATSANLIESKSFKLYLNSYNQTRFASWDEVQTRLVHDLSACAGETVTVNVKSLNEYTAEPIVT
(MSE)QGECIDDQDIEIANYEFDDALLQGAAQGEEVSEVLHSHLLKSNCLITNQPDWGSVEIAYHGAK(MSE)NREALLR
YLVSFREHNEFHEQCVERIFTDI(MSE)RYCQPQSLTVYARYTRLGGLDINPFRSSHQSAPNHNQR(MSE)ARQ
;
_entity_poly.pdbx_strand_id   A,B,C,D
#
# COMPACT_ATOMS: atom_id res chain seq x y z
N TYR A 30 15.88 3.73 35.93
CA TYR A 30 14.87 2.67 35.91
C TYR A 30 13.47 3.20 35.69
N ALA A 31 12.80 2.63 34.69
CA ALA A 31 11.40 2.95 34.47
C ALA A 31 10.55 2.46 35.66
N ASN A 32 9.43 3.14 35.92
N ASN A 32 9.49 3.18 35.98
CA ASN A 32 8.48 2.67 36.91
CA ASN A 32 8.62 2.61 36.97
C ASN A 32 7.73 1.44 36.40
C ASN A 32 7.93 1.39 36.36
N GLN A 33 7.78 0.34 37.15
CA GLN A 33 7.04 -0.83 36.78
C GLN A 33 5.64 -0.86 37.39
N TYR A 34 4.95 -1.97 37.23
CA TYR A 34 3.51 -2.00 37.44
C TYR A 34 3.12 -1.27 38.72
N ASP A 35 2.19 -0.32 38.57
CA ASP A 35 1.81 0.53 39.68
C ASP A 35 0.31 0.89 39.64
N PRO A 36 -0.56 0.07 40.22
CA PRO A 36 -1.99 0.42 40.21
C PRO A 36 -2.33 1.66 41.01
N SER A 37 -1.45 2.09 41.86
CA SER A 37 -1.71 3.32 42.62
C SER A 37 -1.68 4.55 41.74
N LEU A 38 -1.17 4.42 40.50
CA LEU A 38 -1.20 5.57 39.59
C LEU A 38 -2.63 5.94 39.17
N LEU A 39 -3.55 4.95 39.12
CA LEU A 39 -4.92 5.22 38.68
C LEU A 39 -5.61 6.25 39.57
N GLN A 40 -6.27 7.22 38.95
CA GLN A 40 -6.98 8.28 39.69
C GLN A 40 -8.49 8.26 39.39
N PRO A 41 -9.29 7.84 40.36
CA PRO A 41 -10.74 7.91 40.20
C PRO A 41 -11.23 9.34 40.30
N VAL A 42 -12.27 9.70 39.57
CA VAL A 42 -13.00 10.95 39.75
C VAL A 42 -14.50 10.62 39.95
N PRO A 43 -15.13 10.95 41.05
CA PRO A 43 -16.55 10.64 41.23
C PRO A 43 -17.38 11.31 40.15
N ARG A 44 -18.23 10.50 39.51
CA ARG A 44 -19.10 11.01 38.45
C ARG A 44 -20.07 12.05 39.01
N SER A 45 -20.43 11.91 40.30
CA SER A 45 -21.40 12.82 40.89
C SER A 45 -20.94 14.29 40.99
N LEU A 46 -19.64 14.58 40.96
CA LEU A 46 -19.22 16.00 41.09
C LEU A 46 -19.85 16.81 39.97
N ASN A 47 -19.64 16.36 38.75
CA ASN A 47 -20.17 17.15 37.66
C ASN A 47 -21.65 16.92 37.48
N ARG A 48 -22.11 15.72 37.79
CA ARG A 48 -23.54 15.51 37.66
C ARG A 48 -24.34 16.45 38.56
N ASN A 49 -23.80 16.80 39.72
CA ASN A 49 -24.45 17.77 40.58
C ASN A 49 -24.68 19.11 39.87
N ASP A 50 -23.68 19.52 39.11
N ASP A 50 -23.67 19.54 39.12
CA ASP A 50 -23.76 20.76 38.36
CA ASP A 50 -23.77 20.77 38.32
C ASP A 50 -24.82 20.71 37.25
C ASP A 50 -24.95 20.68 37.38
N LEU A 51 -25.20 19.50 36.83
CA LEU A 51 -26.27 19.30 35.84
C LEU A 51 -27.64 19.19 36.51
N HIS A 52 -27.67 19.28 37.85
CA HIS A 52 -28.92 19.18 38.64
C HIS A 52 -29.59 17.83 38.41
N LEU A 53 -28.76 16.78 38.43
CA LEU A 53 -29.22 15.40 38.40
C LEU A 53 -29.25 14.82 39.83
N SER A 54 -30.19 13.91 40.03
CA SER A 54 -30.28 13.16 41.27
C SER A 54 -29.43 11.91 41.17
N ALA A 55 -29.48 11.12 42.22
CA ALA A 55 -28.85 9.82 42.23
C ALA A 55 -29.57 8.91 41.21
N THR A 56 -30.84 9.21 40.85
CA THR A 56 -31.52 8.36 39.85
C THR A 56 -31.38 8.93 38.43
N LEU A 57 -30.53 8.29 37.64
CA LEU A 57 -30.06 8.92 36.41
C LEU A 57 -31.10 8.89 35.31
N PRO A 58 -31.16 9.95 34.52
CA PRO A 58 -32.04 10.03 33.34
C PRO A 58 -31.54 9.22 32.12
N PHE A 59 -30.33 8.69 32.22
CA PHE A 59 -29.73 7.96 31.11
C PHE A 59 -29.07 6.68 31.61
N GLN A 60 -28.77 5.81 30.66
CA GLN A 60 -27.97 4.63 30.87
C GLN A 60 -26.86 4.65 29.81
N GLY A 61 -25.85 3.81 29.96
CA GLY A 61 -24.82 3.75 28.92
C GLY A 61 -23.49 3.37 29.50
N CYS A 62 -22.43 3.78 28.81
CA CYS A 62 -21.07 3.32 29.15
C CYS A 62 -20.06 4.24 28.52
N ASP A 63 -18.83 4.15 29.00
CA ASP A 63 -17.71 4.86 28.38
C ASP A 63 -16.81 3.80 27.77
N ILE A 64 -16.63 3.84 26.45
CA ILE A 64 -15.79 2.86 25.77
C ILE A 64 -14.44 3.51 25.57
N TRP A 65 -13.39 2.88 26.03
CA TRP A 65 -12.02 3.37 25.85
C TRP A 65 -11.22 2.48 24.93
N THR A 66 -10.40 3.08 24.07
CA THR A 66 -9.47 2.30 23.25
C THR A 66 -8.05 2.60 23.70
N LEU A 67 -7.29 1.56 23.95
CA LEU A 67 -5.92 1.67 24.49
C LEU A 67 -4.97 1.22 23.39
N TYR A 68 -4.53 2.20 22.61
CA TYR A 68 -3.70 1.97 21.43
C TYR A 68 -2.27 1.61 21.72
N GLU A 69 -1.80 1.91 22.92
CA GLU A 69 -0.39 1.72 23.27
C GLU A 69 -0.03 0.60 24.28
N LEU A 70 -0.85 -0.37 24.47
N LEU A 70 -0.92 -0.37 24.50
CA LEU A 70 -0.63 -1.37 25.52
CA LEU A 70 -0.65 -1.47 25.43
C LEU A 70 0.55 -2.27 25.14
C LEU A 70 0.60 -2.27 25.09
N SER A 71 1.53 -2.34 26.04
CA SER A 71 2.73 -3.11 25.82
C SER A 71 3.33 -3.50 27.15
N TRP A 72 3.90 -4.69 27.18
CA TRP A 72 4.51 -5.28 28.36
C TRP A 72 5.58 -6.24 27.93
N LEU A 73 6.22 -6.92 28.89
CA LEU A 73 7.25 -7.91 28.56
C LEU A 73 6.72 -9.29 28.89
N ASN A 74 7.04 -10.31 28.10
CA ASN A 74 6.73 -11.66 28.51
C ASN A 74 7.73 -12.12 29.61
N GLN A 75 7.60 -13.37 30.04
N GLN A 75 7.57 -13.37 30.03
CA GLN A 75 8.40 -13.79 31.20
CA GLN A 75 8.36 -13.91 31.15
C GLN A 75 9.88 -13.97 30.85
C GLN A 75 9.84 -13.88 30.83
N LYS A 76 10.16 -14.02 29.54
CA LYS A 76 11.53 -14.05 29.05
C LYS A 76 12.07 -12.66 28.72
N GLY A 77 11.26 -11.64 28.91
CA GLY A 77 11.73 -10.27 28.71
C GLY A 77 11.48 -9.74 27.30
N LEU A 78 10.80 -10.51 26.46
CA LEU A 78 10.55 -10.05 25.09
C LEU A 78 9.27 -9.18 25.06
N PRO A 79 9.36 -7.97 24.45
CA PRO A 79 8.15 -7.13 24.39
C PRO A 79 6.96 -7.79 23.72
N GLN A 80 5.76 -7.44 24.20
CA GLN A 80 4.47 -7.80 23.65
C GLN A 80 3.73 -6.53 23.36
N VAL A 81 2.91 -6.49 22.30
CA VAL A 81 2.12 -5.29 22.00
C VAL A 81 0.68 -5.73 21.71
N ALA A 82 -0.27 -4.88 22.06
CA ALA A 82 -1.69 -5.20 21.88
C ALA A 82 -2.49 -3.95 21.83
N ILE A 83 -3.77 -4.05 21.43
CA ILE A 83 -4.69 -2.92 21.64
C ILE A 83 -5.75 -3.35 22.62
N GLY A 84 -5.99 -2.51 23.62
CA GLY A 84 -7.05 -2.81 24.56
C GLY A 84 -8.35 -2.09 24.28
N GLU A 85 -9.46 -2.70 24.67
N GLU A 85 -9.47 -2.69 24.68
CA GLU A 85 -10.76 -2.05 24.58
CA GLU A 85 -10.76 -2.05 24.60
C GLU A 85 -11.41 -2.23 25.94
C GLU A 85 -11.49 -2.24 25.90
N VAL A 86 -11.95 -1.14 26.48
CA VAL A 86 -12.53 -1.17 27.83
C VAL A 86 -13.92 -0.58 27.80
N SER A 87 -14.87 -1.19 28.51
CA SER A 87 -16.16 -0.57 28.69
C SER A 87 -16.39 -0.35 30.17
N ILE A 88 -16.61 0.92 30.52
CA ILE A 88 -16.89 1.29 31.94
C ILE A 88 -18.37 1.68 32.03
N PRO A 89 -19.16 1.02 32.91
CA PRO A 89 -20.57 1.37 32.99
C PRO A 89 -20.80 2.83 33.43
N ALA A 90 -21.78 3.52 32.85
CA ALA A 90 -22.02 4.89 33.23
C ALA A 90 -22.56 4.97 34.65
N THR A 91 -22.98 3.82 35.22
CA THR A 91 -23.41 3.80 36.62
C THR A 91 -22.26 3.63 37.60
N SER A 92 -21.05 3.45 37.10
CA SER A 92 -19.92 3.31 38.05
C SER A 92 -19.81 4.57 38.90
N ALA A 93 -19.40 4.40 40.16
CA ALA A 93 -19.25 5.58 41.02
C ALA A 93 -18.26 6.58 40.44
N ASN A 94 -17.19 6.07 39.83
CA ASN A 94 -16.12 6.92 39.35
C ASN A 94 -15.83 6.71 37.87
N LEU A 95 -15.38 7.77 37.25
CA LEU A 95 -14.70 7.57 35.99
C LEU A 95 -13.20 7.54 36.31
N ILE A 96 -12.40 7.24 35.31
CA ILE A 96 -10.95 7.14 35.52
C ILE A 96 -10.27 8.28 34.79
N GLU A 97 -9.46 9.04 35.49
CA GLU A 97 -8.83 10.23 34.90
C GLU A 97 -7.80 9.72 33.84
N SER A 98 -7.88 10.30 32.65
N SER A 98 -7.87 10.28 32.64
CA SER A 98 -7.17 9.80 31.46
CA SER A 98 -7.15 9.70 31.48
C SER A 98 -5.64 9.80 31.56
C SER A 98 -5.61 9.79 31.54
N LYS A 99 -5.06 10.89 32.05
CA LYS A 99 -3.58 10.94 32.20
C LYS A 99 -3.15 9.83 33.16
N SER A 100 -3.89 9.63 34.25
CA SER A 100 -3.49 8.61 35.21
C SER A 100 -3.61 7.23 34.59
N PHE A 101 -4.59 7.03 33.73
CA PHE A 101 -4.79 5.76 33.03
C PHE A 101 -3.58 5.49 32.10
N LYS A 102 -3.16 6.55 31.40
CA LYS A 102 -1.98 6.43 30.53
C LYS A 102 -0.74 6.04 31.35
N LEU A 103 -0.54 6.70 32.47
CA LEU A 103 0.67 6.42 33.28
C LEU A 103 0.60 5.03 33.87
N TYR A 104 -0.61 4.61 34.32
CA TYR A 104 -0.80 3.26 34.76
C TYR A 104 -0.44 2.26 33.62
N LEU A 105 -0.91 2.46 32.40
CA LEU A 105 -0.56 1.56 31.32
C LEU A 105 0.97 1.59 31.03
N ASN A 106 1.60 2.76 31.10
CA ASN A 106 3.05 2.83 30.88
C ASN A 106 3.77 1.96 31.90
N SER A 107 3.20 1.84 33.12
CA SER A 107 3.86 1.01 34.13
C SER A 107 3.96 -0.45 33.74
N TYR A 108 3.15 -0.89 32.75
CA TYR A 108 3.29 -2.27 32.27
C TYR A 108 4.51 -2.44 31.35
N ASN A 109 4.97 -1.34 30.76
CA ASN A 109 5.89 -1.43 29.60
C ASN A 109 7.18 -2.22 29.91
N GLN A 110 7.72 -2.03 31.10
CA GLN A 110 8.91 -2.77 31.51
C GLN A 110 8.63 -3.87 32.53
N THR A 111 7.39 -4.26 32.68
CA THR A 111 7.05 -5.34 33.61
C THR A 111 6.84 -6.65 32.89
N ARG A 112 7.40 -7.74 33.45
CA ARG A 112 7.25 -9.08 32.93
C ARG A 112 5.98 -9.73 33.46
N PHE A 113 5.20 -10.28 32.53
CA PHE A 113 3.99 -11.02 32.83
C PHE A 113 4.04 -12.38 32.15
N ALA A 114 3.56 -13.40 32.84
CA ALA A 114 3.60 -14.76 32.35
C ALA A 114 2.71 -15.03 31.12
N SER A 115 1.63 -14.29 30.99
CA SER A 115 0.69 -14.54 29.93
C SER A 115 -0.13 -13.31 29.61
N TRP A 116 -0.72 -13.30 28.42
CA TRP A 116 -1.68 -12.32 28.01
C TRP A 116 -2.89 -12.40 28.91
N ASP A 117 -3.32 -13.60 29.31
N ASP A 117 -3.30 -13.59 29.33
CA ASP A 117 -4.48 -13.73 30.17
CA ASP A 117 -4.46 -13.74 30.19
C ASP A 117 -4.22 -12.94 31.47
C ASP A 117 -4.24 -13.01 31.52
N GLU A 118 -3.02 -13.04 32.05
CA GLU A 118 -2.73 -12.30 33.26
C GLU A 118 -2.88 -10.79 33.06
N VAL A 119 -2.34 -10.25 31.97
CA VAL A 119 -2.50 -8.85 31.68
C VAL A 119 -3.98 -8.47 31.63
N GLN A 120 -4.76 -9.21 30.87
N GLN A 120 -4.76 -9.21 30.88
CA GLN A 120 -6.18 -8.90 30.78
CA GLN A 120 -6.16 -8.86 30.79
C GLN A 120 -6.86 -8.94 32.17
C GLN A 120 -6.88 -8.95 32.15
N THR A 121 -6.55 -9.96 32.96
CA THR A 121 -7.17 -10.12 34.27
C THR A 121 -6.79 -8.98 35.21
N ARG A 122 -5.52 -8.57 35.18
CA ARG A 122 -5.10 -7.42 35.99
C ARG A 122 -5.78 -6.14 35.56
N LEU A 123 -5.91 -5.89 34.25
CA LEU A 123 -6.62 -4.70 33.78
C LEU A 123 -8.05 -4.71 34.30
N VAL A 124 -8.75 -5.84 34.16
CA VAL A 124 -10.12 -5.89 34.67
C VAL A 124 -10.15 -5.57 36.18
N HIS A 125 -9.24 -6.21 36.93
CA HIS A 125 -9.29 -6.05 38.37
C HIS A 125 -9.04 -4.59 38.74
N ASP A 126 -7.97 -4.03 38.19
CA ASP A 126 -7.53 -2.70 38.61
C ASP A 126 -8.47 -1.62 38.14
N LEU A 127 -8.95 -1.71 36.89
CA LEU A 127 -9.81 -0.66 36.40
C LEU A 127 -11.21 -0.80 37.09
N SER A 128 -11.68 -2.04 37.36
CA SER A 128 -12.93 -2.20 38.10
C SER A 128 -12.80 -1.60 39.51
N ALA A 129 -11.67 -1.82 40.17
CA ALA A 129 -11.54 -1.28 41.53
C ALA A 129 -11.55 0.24 41.47
N CYS A 130 -10.93 0.83 40.43
CA CYS A 130 -10.88 2.27 40.36
C CYS A 130 -12.28 2.84 40.03
N ALA A 131 -12.97 2.28 39.05
CA ALA A 131 -14.29 2.77 38.65
C ALA A 131 -15.35 2.51 39.73
N GLY A 132 -15.18 1.43 40.49
CA GLY A 132 -16.21 1.12 41.50
C GLY A 132 -17.25 0.14 41.02
N GLU A 133 -17.10 -0.37 39.80
CA GLU A 133 -18.04 -1.33 39.24
C GLU A 133 -17.23 -2.15 38.21
N THR A 134 -17.64 -3.37 37.97
CA THR A 134 -16.97 -4.24 37.03
C THR A 134 -16.90 -3.62 35.65
N VAL A 135 -15.71 -3.59 35.08
CA VAL A 135 -15.54 -3.08 33.75
C VAL A 135 -15.15 -4.28 32.85
N THR A 136 -15.43 -4.18 31.56
CA THR A 136 -15.02 -5.23 30.64
C THR A 136 -13.77 -4.79 29.90
N VAL A 137 -12.86 -5.73 29.70
CA VAL A 137 -11.62 -5.46 28.99
C VAL A 137 -11.34 -6.53 27.96
N ASN A 138 -11.02 -6.15 26.73
CA ASN A 138 -10.49 -7.07 25.73
C ASN A 138 -9.08 -6.66 25.40
N VAL A 139 -8.16 -7.60 25.43
CA VAL A 139 -6.81 -7.33 25.00
C VAL A 139 -6.60 -8.11 23.70
N LYS A 140 -6.41 -7.37 22.62
CA LYS A 140 -6.43 -7.96 21.28
C LYS A 140 -5.08 -7.86 20.60
N SER A 141 -4.65 -8.93 19.91
CA SER A 141 -3.41 -8.86 19.16
C SER A 141 -3.58 -7.91 17.95
N LEU A 142 -2.49 -7.30 17.51
CA LEU A 142 -2.58 -6.34 16.42
C LEU A 142 -3.15 -6.95 15.14
N ASN A 143 -2.95 -8.25 14.94
N ASN A 143 -2.94 -8.23 14.92
CA ASN A 143 -3.45 -8.94 13.74
CA ASN A 143 -3.46 -8.86 13.71
C ASN A 143 -4.97 -8.96 13.68
C ASN A 143 -4.99 -8.79 13.66
N GLU A 144 -5.65 -8.78 14.81
CA GLU A 144 -7.11 -8.71 14.82
C GLU A 144 -7.60 -7.48 14.15
N TYR A 145 -6.74 -6.49 13.97
CA TYR A 145 -7.14 -5.21 13.36
C TYR A 145 -6.92 -5.08 11.86
N THR A 146 -6.24 -6.04 11.27
CA THR A 146 -5.96 -5.96 9.84
C THR A 146 -7.28 -6.00 9.08
N ALA A 147 -7.45 -5.04 8.19
CA ALA A 147 -8.64 -4.88 7.35
C ALA A 147 -9.86 -4.31 8.06
N GLU A 148 -9.72 -3.99 9.35
CA GLU A 148 -10.79 -3.30 10.08
C GLU A 148 -10.95 -1.91 9.48
N PRO A 149 -12.18 -1.44 9.38
CA PRO A 149 -12.45 -0.17 8.73
C PRO A 149 -12.31 1.07 9.61
N ILE A 150 -12.00 2.17 8.98
CA ILE A 150 -12.30 3.45 9.55
C ILE A 150 -13.75 3.74 9.18
N VAL A 151 -14.52 4.21 10.15
CA VAL A 151 -15.96 4.39 9.97
C VAL A 151 -16.39 5.83 10.20
N THR A 152 -17.53 6.23 9.63
CA THR A 152 -18.18 7.48 9.97
C THR A 152 -19.31 7.22 10.96
N GLN A 154 -23.60 7.36 12.02
CA GLN A 154 -24.88 7.13 11.41
C GLN A 154 -25.65 8.40 11.10
N GLY A 155 -26.63 8.31 10.19
CA GLY A 155 -27.53 9.41 9.91
C GLY A 155 -26.90 10.51 9.12
N GLU A 156 -27.48 11.69 9.24
CA GLU A 156 -27.12 12.81 8.41
C GLU A 156 -26.13 13.70 9.11
N CYS A 157 -25.06 14.06 8.41
CA CYS A 157 -24.15 15.07 8.94
C CYS A 157 -24.77 16.46 8.86
N ILE A 158 -24.67 17.20 9.96
CA ILE A 158 -25.24 18.55 10.04
C ILE A 158 -24.24 19.66 9.76
N ASP A 159 -23.00 19.32 9.41
CA ASP A 159 -21.93 20.30 9.42
C ASP A 159 -21.91 21.22 8.24
N ASP A 160 -22.56 20.87 7.13
CA ASP A 160 -22.33 21.75 5.98
C ASP A 160 -23.51 22.71 5.96
N GLN A 161 -23.33 23.79 6.71
CA GLN A 161 -24.32 24.83 6.82
C GLN A 161 -23.72 26.15 6.47
N ASP A 162 -24.53 26.97 5.84
CA ASP A 162 -24.15 28.32 5.51
C ASP A 162 -24.68 29.16 6.64
N ILE A 163 -23.87 29.30 7.66
CA ILE A 163 -24.18 30.10 8.82
C ILE A 163 -22.88 30.75 9.24
N GLU A 164 -22.99 31.87 9.94
CA GLU A 164 -21.88 32.57 10.54
C GLU A 164 -21.86 32.37 12.03
N ILE A 165 -20.70 32.00 12.54
CA ILE A 165 -20.47 31.93 13.97
C ILE A 165 -19.31 32.85 14.35
N ALA A 166 -19.50 33.68 15.36
CA ALA A 166 -18.43 34.51 15.88
C ALA A 166 -18.27 34.45 17.40
N ASN A 167 -19.26 33.93 18.08
CA ASN A 167 -19.23 33.87 19.55
C ASN A 167 -19.15 32.41 19.91
N TYR A 168 -17.99 32.02 20.46
CA TYR A 168 -17.68 30.62 20.80
C TYR A 168 -17.94 30.26 22.26
N GLU A 169 -18.60 31.14 22.99
N GLU A 169 -18.57 31.14 23.01
CA GLU A 169 -18.82 30.89 24.42
CA GLU A 169 -18.83 30.86 24.41
C GLU A 169 -19.99 29.91 24.63
C GLU A 169 -19.96 29.83 24.57
N PHE A 170 -19.91 29.02 25.62
CA PHE A 170 -20.93 27.99 25.81
C PHE A 170 -22.30 28.63 26.09
N ASP A 171 -23.34 28.20 25.36
CA ASP A 171 -24.66 28.73 25.62
C ASP A 171 -25.72 27.64 25.40
N ASP A 172 -26.21 27.04 26.48
N ASP A 172 -26.24 27.06 26.48
CA ASP A 172 -27.24 26.01 26.34
CA ASP A 172 -27.26 26.01 26.32
C ASP A 172 -28.55 26.58 25.80
C ASP A 172 -28.56 26.58 25.79
N ALA A 173 -28.76 27.89 25.99
CA ALA A 173 -29.99 28.56 25.57
C ALA A 173 -30.07 28.63 24.04
N LEU A 174 -29.00 28.26 23.33
CA LEU A 174 -29.12 28.11 21.88
C LEU A 174 -30.15 27.06 21.51
N LEU A 175 -30.47 26.15 22.45
CA LEU A 175 -31.43 25.09 22.16
C LEU A 175 -32.88 25.51 22.49
N GLN A 176 -33.10 26.75 22.98
CA GLN A 176 -34.48 27.16 23.35
C GLN A 176 -35.34 27.16 22.11
N GLY A 177 -36.44 26.41 22.17
CA GLY A 177 -37.33 26.36 21.04
C GLY A 177 -36.75 25.59 19.84
N ALA A 178 -35.68 24.82 20.01
CA ALA A 178 -35.08 24.14 18.88
C ALA A 178 -35.91 23.00 18.33
N ALA A 179 -36.84 22.42 19.09
CA ALA A 179 -37.56 21.28 18.50
C ALA A 179 -39.01 21.68 18.34
N GLN A 180 -39.33 22.18 17.16
CA GLN A 180 -40.72 22.55 16.85
C GLN A 180 -41.39 21.75 15.79
N GLY A 181 -40.63 20.87 15.18
CA GLY A 181 -41.02 20.32 13.90
C GLY A 181 -41.99 19.18 14.14
N GLU A 182 -42.34 18.46 13.07
CA GLU A 182 -43.21 17.31 13.17
C GLU A 182 -42.50 16.24 13.97
N GLU A 183 -43.25 15.35 14.59
CA GLU A 183 -42.68 14.19 15.28
C GLU A 183 -41.96 13.31 14.29
N VAL A 184 -40.69 13.05 14.56
CA VAL A 184 -39.86 12.27 13.67
C VAL A 184 -38.93 11.36 14.46
N SER A 185 -38.42 10.36 13.79
CA SER A 185 -37.25 9.64 14.25
C SER A 185 -36.09 10.04 13.33
N GLU A 186 -34.99 10.53 13.90
CA GLU A 186 -33.85 10.99 13.14
C GLU A 186 -32.55 10.56 13.79
N VAL A 187 -31.52 10.41 12.98
CA VAL A 187 -30.15 10.32 13.48
C VAL A 187 -29.33 11.42 12.81
N LEU A 188 -28.60 12.18 13.60
CA LEU A 188 -27.83 13.32 13.13
C LEU A 188 -26.40 13.18 13.69
N HIS A 189 -25.41 13.68 12.97
CA HIS A 189 -24.09 13.71 13.56
C HIS A 189 -23.33 14.94 13.13
N SER A 190 -22.28 15.21 13.89
CA SER A 190 -21.36 16.31 13.61
C SER A 190 -19.95 15.88 13.90
N HIS A 191 -19.00 16.37 13.08
CA HIS A 191 -17.56 16.20 13.36
C HIS A 191 -16.92 17.41 14.04
N LEU A 192 -17.73 18.40 14.37
CA LEU A 192 -17.25 19.71 14.80
C LEU A 192 -17.18 19.87 16.30
N LEU A 193 -17.36 18.80 17.07
CA LEU A 193 -17.25 18.95 18.52
C LEU A 193 -15.80 19.20 18.95
N LYS A 194 -15.59 20.28 19.70
CA LYS A 194 -14.29 20.56 20.26
C LYS A 194 -14.53 21.16 21.65
N SER A 195 -13.64 20.91 22.59
CA SER A 195 -13.67 21.61 23.86
C SER A 195 -12.26 21.68 24.37
N ASN A 196 -12.06 22.23 25.57
N ASN A 196 -12.05 22.27 25.56
CA ASN A 196 -10.73 22.23 26.18
CA ASN A 196 -10.74 22.25 26.21
C ASN A 196 -10.66 21.23 27.34
C ASN A 196 -10.70 21.17 27.31
N CYS A 197 -9.64 20.40 27.33
CA CYS A 197 -9.53 19.29 28.29
C CYS A 197 -9.27 19.82 29.64
N LEU A 198 -10.14 19.50 30.61
CA LEU A 198 -10.09 20.13 31.92
C LEU A 198 -8.70 20.23 32.53
N ILE A 199 -8.15 19.10 32.93
CA ILE A 199 -6.95 19.15 33.78
C ILE A 199 -5.68 19.51 33.01
N THR A 200 -5.53 18.88 31.86
CA THR A 200 -4.30 18.99 31.10
C THR A 200 -4.30 20.12 30.04
N ASN A 201 -5.47 20.70 29.82
N ASN A 201 -5.46 20.73 29.84
CA ASN A 201 -5.59 21.97 29.09
CA ASN A 201 -5.57 21.97 29.05
C ASN A 201 -5.13 21.97 27.65
C ASN A 201 -5.11 21.88 27.58
N GLN A 202 -5.46 20.93 26.90
N GLN A 202 -5.49 20.82 26.88
CA GLN A 202 -5.24 20.94 25.45
CA GLN A 202 -5.26 20.76 25.44
C GLN A 202 -6.61 20.77 24.79
C GLN A 202 -6.61 20.69 24.78
N PRO A 203 -6.69 21.00 23.49
CA PRO A 203 -7.99 20.78 22.84
C PRO A 203 -8.43 19.32 22.79
N ASP A 204 -9.74 19.11 22.90
CA ASP A 204 -10.44 17.83 22.79
C ASP A 204 -11.08 17.84 21.40
N TRP A 205 -10.98 16.78 20.63
CA TRP A 205 -11.61 16.74 19.33
C TRP A 205 -12.52 15.55 19.25
N GLY A 206 -13.74 15.78 18.81
CA GLY A 206 -14.72 14.71 18.78
C GLY A 206 -15.73 14.79 17.65
N SER A 207 -16.33 13.65 17.35
CA SER A 207 -17.57 13.60 16.58
C SER A 207 -18.70 13.13 17.44
N VAL A 208 -19.93 13.55 17.16
CA VAL A 208 -21.04 13.20 18.06
C VAL A 208 -22.25 12.83 17.21
N GLU A 209 -22.89 11.75 17.63
CA GLU A 209 -24.08 11.19 16.97
C GLU A 209 -25.26 11.31 17.92
N ILE A 210 -26.37 11.88 17.41
CA ILE A 210 -27.54 12.09 18.22
C ILE A 210 -28.72 11.44 17.54
N ALA A 211 -29.31 10.44 18.20
CA ALA A 211 -30.48 9.77 17.65
C ALA A 211 -31.67 10.08 18.54
N TYR A 212 -32.81 10.41 17.96
CA TYR A 212 -33.93 10.72 18.82
C TYR A 212 -35.26 10.48 18.14
N HIS A 213 -36.29 10.41 18.95
CA HIS A 213 -37.65 10.42 18.45
C HIS A 213 -38.40 11.50 19.19
N GLY A 214 -38.90 12.49 18.46
CA GLY A 214 -39.48 13.67 19.08
C GLY A 214 -39.75 14.74 18.04
N ALA A 215 -40.15 15.93 18.45
CA ALA A 215 -40.33 17.03 17.52
C ALA A 215 -39.01 17.32 16.79
N LYS A 216 -39.06 17.53 15.49
CA LYS A 216 -37.85 17.63 14.71
C LYS A 216 -37.00 18.82 15.15
N ASN A 218 -34.17 21.79 15.05
CA ASN A 218 -33.58 22.75 14.15
C ASN A 218 -32.07 22.53 14.08
N ARG A 219 -31.56 22.26 12.88
CA ARG A 219 -30.14 21.91 12.72
C ARG A 219 -29.17 23.06 12.91
N GLU A 220 -29.60 24.28 12.65
CA GLU A 220 -28.74 25.43 12.88
C GLU A 220 -28.58 25.62 14.39
N ALA A 221 -29.68 25.55 15.16
CA ALA A 221 -29.58 25.67 16.63
C ALA A 221 -28.69 24.58 17.23
N LEU A 222 -28.89 23.34 16.76
CA LEU A 222 -28.11 22.23 17.28
C LEU A 222 -26.62 22.44 16.96
N LEU A 223 -26.30 22.83 15.71
CA LEU A 223 -24.89 22.99 15.41
C LEU A 223 -24.27 24.15 16.19
N ARG A 224 -24.99 25.27 16.30
CA ARG A 224 -24.47 26.39 17.10
C ARG A 224 -24.23 25.94 18.54
N TYR A 225 -25.17 25.18 19.09
CA TYR A 225 -25.00 24.69 20.47
C TYR A 225 -23.75 23.82 20.58
N LEU A 226 -23.55 22.90 19.64
CA LEU A 226 -22.37 22.01 19.73
C LEU A 226 -21.08 22.82 19.57
N VAL A 227 -21.09 23.82 18.69
CA VAL A 227 -19.86 24.60 18.47
C VAL A 227 -19.58 25.46 19.72
N SER A 228 -20.61 25.74 20.50
CA SER A 228 -20.44 26.60 21.69
C SER A 228 -19.63 25.91 22.78
N PHE A 229 -19.36 24.61 22.65
CA PHE A 229 -18.41 23.96 23.54
C PHE A 229 -16.94 24.32 23.27
N ARG A 230 -16.68 25.00 22.14
CA ARG A 230 -15.30 25.04 21.59
C ARG A 230 -14.22 25.49 22.55
N GLU A 231 -14.55 26.45 23.39
CA GLU A 231 -13.58 27.01 24.31
C GLU A 231 -13.95 26.73 25.78
N HIS A 232 -14.73 25.68 26.00
CA HIS A 232 -15.24 25.30 27.28
C HIS A 232 -14.50 24.12 27.88
N ASN A 233 -14.21 24.18 29.17
CA ASN A 233 -13.49 23.10 29.84
C ASN A 233 -14.42 21.97 30.14
N GLU A 234 -14.02 20.75 29.76
CA GLU A 234 -14.88 19.56 29.80
C GLU A 234 -14.05 18.31 30.05
N PHE A 235 -14.67 17.26 30.59
CA PHE A 235 -14.22 15.90 30.36
C PHE A 235 -15.19 15.39 29.28
N HIS A 236 -14.75 14.43 28.49
CA HIS A 236 -15.55 13.90 27.41
C HIS A 236 -16.83 13.33 27.93
N GLU A 237 -16.75 12.60 29.02
CA GLU A 237 -17.91 11.98 29.64
C GLU A 237 -18.95 13.00 30.09
N GLN A 238 -18.42 14.07 30.65
N GLN A 238 -18.51 14.10 30.70
CA GLN A 238 -19.18 15.21 31.11
CA GLN A 238 -19.47 15.11 31.13
C GLN A 238 -19.86 15.97 30.00
C GLN A 238 -20.03 15.93 29.99
N CYS A 239 -19.17 16.15 28.89
N CYS A 239 -19.25 16.09 28.92
CA CYS A 239 -19.75 16.86 27.77
CA CYS A 239 -19.72 16.80 27.74
C CYS A 239 -20.90 16.08 27.15
C CYS A 239 -20.91 16.07 27.17
N VAL A 240 -20.76 14.77 27.02
CA VAL A 240 -21.88 13.98 26.51
C VAL A 240 -23.07 14.03 27.45
N GLU A 241 -22.86 13.94 28.76
CA GLU A 241 -23.99 14.00 29.68
C GLU A 241 -24.66 15.39 29.63
N ARG A 242 -23.89 16.47 29.45
N ARG A 242 -23.86 16.45 29.46
CA ARG A 242 -24.48 17.80 29.35
CA ARG A 242 -24.36 17.82 29.30
C ARG A 242 -25.27 17.92 28.05
C ARG A 242 -25.23 17.91 28.06
N ILE A 243 -24.74 17.41 26.93
CA ILE A 243 -25.48 17.43 25.70
C ILE A 243 -26.80 16.68 25.87
N PHE A 244 -26.73 15.47 26.43
CA PHE A 244 -27.95 14.69 26.65
C PHE A 244 -28.95 15.45 27.49
N THR A 245 -28.52 15.97 28.61
CA THR A 245 -29.45 16.62 29.53
C THR A 245 -29.98 17.95 28.97
N ASP A 246 -29.16 18.70 28.21
CA ASP A 246 -29.66 19.92 27.57
C ASP A 246 -30.69 19.56 26.49
N ILE A 247 -30.42 18.57 25.63
CA ILE A 247 -31.41 18.23 24.62
C ILE A 247 -32.68 17.72 25.30
N ARG A 249 -33.97 18.59 28.18
CA ARG A 249 -34.76 19.66 28.80
C ARG A 249 -35.30 20.68 27.82
N TYR A 250 -34.54 21.00 26.77
CA TYR A 250 -35.02 21.99 25.80
C TYR A 250 -35.90 21.37 24.72
N CYS A 251 -35.59 20.15 24.30
CA CYS A 251 -36.30 19.53 23.16
C CYS A 251 -37.27 18.42 23.50
N GLN A 252 -37.21 17.91 24.72
CA GLN A 252 -38.13 16.87 25.18
C GLN A 252 -38.50 15.76 24.22
N PRO A 253 -37.49 15.12 23.62
CA PRO A 253 -37.81 13.94 22.82
C PRO A 253 -38.34 12.79 23.71
N GLN A 254 -39.08 11.87 23.09
CA GLN A 254 -39.50 10.67 23.81
C GLN A 254 -38.36 9.74 24.10
N SER A 255 -37.37 9.72 23.20
CA SER A 255 -36.21 8.84 23.35
C SER A 255 -35.04 9.56 22.72
N LEU A 256 -33.86 9.31 23.29
CA LEU A 256 -32.66 10.05 22.90
C LEU A 256 -31.41 9.20 23.14
N THR A 257 -30.45 9.30 22.23
CA THR A 257 -29.12 8.73 22.47
C THR A 257 -28.13 9.75 22.01
N VAL A 258 -27.12 9.99 22.84
CA VAL A 258 -26.01 10.88 22.44
C VAL A 258 -24.74 10.06 22.63
N TYR A 259 -23.96 9.99 21.55
CA TYR A 259 -22.73 9.19 21.56
C TYR A 259 -21.62 9.99 20.92
N ALA A 260 -20.53 10.22 21.65
CA ALA A 260 -19.42 10.95 21.08
C ALA A 260 -18.17 10.06 21.03
N ARG A 261 -17.38 10.27 20.01
CA ARG A 261 -16.12 9.58 19.81
C ARG A 261 -15.01 10.60 19.70
N TYR A 262 -14.11 10.62 20.69
CA TYR A 262 -13.05 11.62 20.71
C TYR A 262 -11.72 11.06 20.27
N THR A 263 -10.88 11.93 19.73
CA THR A 263 -9.52 11.53 19.38
C THR A 263 -8.73 11.25 20.65
N ARG A 264 -7.74 10.37 20.55
CA ARG A 264 -6.96 9.97 21.71
C ARG A 264 -6.16 11.11 22.25
N LEU A 265 -5.91 11.03 23.57
N LEU A 265 -5.88 11.00 23.54
CA LEU A 265 -4.96 11.86 24.29
CA LEU A 265 -4.89 11.83 24.17
C LEU A 265 -3.99 10.88 24.96
C LEU A 265 -4.01 10.83 24.85
N GLY A 266 -2.71 10.99 24.65
CA GLY A 266 -1.78 10.14 25.38
C GLY A 266 -2.01 8.67 25.10
N GLY A 267 -2.40 8.35 23.88
CA GLY A 267 -2.56 6.98 23.46
C GLY A 267 -3.86 6.27 23.79
N LEU A 268 -4.78 6.98 24.42
CA LEU A 268 -6.06 6.39 24.83
C LEU A 268 -7.17 7.28 24.38
N ASP A 269 -8.28 6.72 23.94
CA ASP A 269 -9.44 7.52 23.64
C ASP A 269 -10.68 7.11 24.43
N ILE A 270 -11.65 8.02 24.50
CA ILE A 270 -12.86 7.82 25.28
C ILE A 270 -14.03 8.10 24.38
N ASN A 271 -15.04 7.24 24.47
CA ASN A 271 -16.21 7.29 23.58
C ASN A 271 -17.47 7.13 24.45
N PRO A 272 -17.93 8.22 25.05
CA PRO A 272 -19.08 8.11 25.96
C PRO A 272 -20.40 7.95 25.24
N PHE A 273 -21.18 6.98 25.68
CA PHE A 273 -22.51 6.69 25.11
C PHE A 273 -23.56 6.88 26.21
N ARG A 274 -24.57 7.70 25.98
CA ARG A 274 -25.63 7.93 26.98
C ARG A 274 -26.97 7.87 26.29
N SER A 275 -27.94 7.17 26.86
CA SER A 275 -29.17 6.93 26.13
C SER A 275 -30.30 6.77 27.14
N SER A 276 -31.50 7.17 26.72
CA SER A 276 -32.67 6.86 27.50
C SER A 276 -33.04 5.37 27.45
N HIS A 277 -32.95 4.79 26.26
CA HIS A 277 -33.42 3.42 25.99
C HIS A 277 -32.43 2.37 25.51
N GLN A 278 -31.23 2.78 25.10
CA GLN A 278 -30.21 1.87 24.53
C GLN A 278 -29.03 1.76 25.49
N SER A 279 -28.35 0.63 25.47
CA SER A 279 -27.19 0.34 26.37
C SER A 279 -25.76 0.68 25.95
N ALA A 280 -25.44 0.54 24.66
CA ALA A 280 -24.04 0.62 24.22
C ALA A 280 -24.08 0.64 22.72
N PRO A 281 -23.02 1.17 22.14
CA PRO A 281 -22.93 1.14 20.69
C PRO A 281 -22.66 -0.30 20.24
N ASN A 282 -22.87 -0.59 18.95
CA ASN A 282 -22.69 -1.98 18.40
C ASN A 282 -21.24 -2.46 18.26
N HIS A 283 -20.34 -1.53 17.97
N HIS A 283 -20.34 -1.50 18.17
CA HIS A 283 -18.92 -1.88 17.88
CA HIS A 283 -18.97 -1.82 17.94
C HIS A 283 -18.15 -0.72 18.44
C HIS A 283 -18.13 -0.64 18.38
N ASN A 284 -16.83 -0.87 18.44
CA ASN A 284 -15.85 0.15 18.77
C ASN A 284 -14.96 0.49 17.59
N GLN A 285 -15.53 0.58 16.40
CA GLN A 285 -14.71 0.93 15.26
C GLN A 285 -14.23 2.36 15.29
N ARG A 286 -12.98 2.62 14.87
CA ARG A 286 -12.45 3.97 14.95
C ARG A 286 -12.96 4.89 13.81
N ALA A 288 -12.20 8.64 11.50
CA ALA A 288 -11.04 9.06 10.73
C ALA A 288 -9.95 9.69 11.57
N ARG A 289 -10.31 10.54 12.51
CA ARG A 289 -9.30 11.25 13.31
C ARG A 289 -8.81 10.45 14.49
N GLN A 290 -9.52 9.37 14.82
CA GLN A 290 -9.12 8.55 15.96
C GLN A 290 -7.95 7.67 15.65
N ASN B 32 -4.57 34.03 20.09
CA ASN B 32 -4.96 32.68 19.66
C ASN B 32 -5.03 32.57 18.14
N GLN B 33 -4.34 33.44 17.41
CA GLN B 33 -4.46 33.36 15.96
C GLN B 33 -3.22 32.70 15.36
N TYR B 34 -3.36 32.46 14.06
CA TYR B 34 -2.36 31.78 13.26
C TYR B 34 -0.97 32.39 13.47
N ASP B 35 -0.01 31.52 13.76
CA ASP B 35 1.32 31.95 14.20
C ASP B 35 2.46 31.05 13.71
N PRO B 36 3.00 31.31 12.51
CA PRO B 36 4.11 30.48 12.02
C PRO B 36 5.35 30.50 12.89
N SER B 37 5.51 31.50 13.75
CA SER B 37 6.71 31.54 14.61
C SER B 37 6.76 30.38 15.59
N LEU B 38 5.65 29.67 15.81
CA LEU B 38 5.65 28.55 16.76
C LEU B 38 6.44 27.35 16.25
N LEU B 39 6.59 27.20 14.94
CA LEU B 39 7.37 26.08 14.41
C LEU B 39 8.86 26.17 14.81
N GLN B 40 9.40 25.05 15.26
N GLN B 40 9.39 25.05 15.26
CA GLN B 40 10.82 24.99 15.64
CA GLN B 40 10.81 24.95 15.64
C GLN B 40 11.54 23.94 14.81
C GLN B 40 11.48 23.93 14.75
N PRO B 41 12.48 24.36 13.96
CA PRO B 41 13.27 23.39 13.21
C PRO B 41 14.33 22.74 14.06
N VAL B 42 14.73 21.53 13.74
CA VAL B 42 15.87 20.88 14.37
C VAL B 42 16.72 20.40 13.21
N PRO B 43 18.04 20.70 13.23
CA PRO B 43 18.82 20.32 12.07
C PRO B 43 19.09 18.82 12.04
N ARG B 44 18.97 18.23 10.86
CA ARG B 44 19.23 16.78 10.69
C ARG B 44 20.70 16.46 10.94
N SER B 45 21.58 17.46 10.77
CA SER B 45 23.02 17.27 10.90
C SER B 45 23.45 16.83 12.30
N LEU B 46 22.69 17.13 13.34
CA LEU B 46 23.15 16.76 14.70
C LEU B 46 23.32 15.24 14.80
N ASN B 47 22.28 14.49 14.53
CA ASN B 47 22.41 13.07 14.65
C ASN B 47 23.16 12.45 13.47
N ARG B 48 23.09 13.06 12.29
CA ARG B 48 23.81 12.51 11.15
C ARG B 48 25.31 12.56 11.40
N ASN B 49 25.77 13.63 12.07
CA ASN B 49 27.19 13.70 12.39
C ASN B 49 27.48 12.61 13.43
N ASP B 50 26.54 12.38 14.38
CA ASP B 50 26.77 11.30 15.36
C ASP B 50 26.81 9.91 14.71
N LEU B 51 26.15 9.76 13.56
CA LEU B 51 26.20 8.49 12.81
C LEU B 51 27.39 8.42 11.87
N HIS B 52 28.23 9.46 11.88
CA HIS B 52 29.38 9.58 11.01
C HIS B 52 29.07 9.59 9.54
N LEU B 53 27.95 10.22 9.19
CA LEU B 53 27.57 10.39 7.78
C LEU B 53 28.22 11.61 7.21
N SER B 54 28.53 11.57 5.92
CA SER B 54 28.97 12.81 5.30
C SER B 54 27.76 13.57 4.78
N ALA B 55 27.96 14.75 4.21
CA ALA B 55 26.80 15.47 3.67
C ALA B 55 26.29 14.77 2.41
N THR B 56 27.06 13.85 1.80
CA THR B 56 26.50 13.06 0.70
C THR B 56 25.86 11.77 1.31
N LEU B 57 24.54 11.72 1.33
CA LEU B 57 23.87 10.76 2.20
C LEU B 57 23.87 9.36 1.58
N PRO B 58 23.91 8.31 2.39
CA PRO B 58 23.78 6.92 2.00
C PRO B 58 22.35 6.52 1.65
N PHE B 59 21.39 7.42 1.79
CA PHE B 59 19.99 7.07 1.56
C PHE B 59 19.30 8.27 0.95
N GLN B 60 18.15 7.97 0.43
CA GLN B 60 17.19 8.94 -0.06
C GLN B 60 15.90 8.68 0.76
N GLY B 61 14.95 9.59 0.68
CA GLY B 61 13.67 9.31 1.31
C GLY B 61 12.99 10.57 1.81
N CYS B 62 12.13 10.37 2.80
CA CYS B 62 11.23 11.42 3.25
C CYS B 62 10.64 11.08 4.58
N ASP B 63 10.10 12.07 5.27
CA ASP B 63 9.33 11.83 6.50
C ASP B 63 7.89 12.12 6.22
N ILE B 64 7.07 11.08 6.31
CA ILE B 64 5.62 11.24 6.01
C ILE B 64 4.93 11.50 7.35
N TRP B 65 4.21 12.60 7.46
CA TRP B 65 3.52 12.97 8.69
C TRP B 65 2.02 12.90 8.47
N THR B 66 1.30 12.46 9.49
CA THR B 66 -0.16 12.50 9.43
C THR B 66 -0.64 13.48 10.49
N LEU B 67 -1.44 14.46 10.10
CA LEU B 67 -1.98 15.46 11.04
C LEU B 67 -3.45 15.15 11.25
N TYR B 68 -3.73 14.45 12.34
CA TYR B 68 -5.08 14.01 12.63
C TYR B 68 -6.06 15.07 13.10
N GLU B 69 -5.54 16.17 13.63
CA GLU B 69 -6.36 17.16 14.33
C GLU B 69 -6.40 18.52 13.66
N LEU B 70 -6.12 18.57 12.38
CA LEU B 70 -6.12 19.83 11.68
C LEU B 70 -7.54 20.42 11.68
N SER B 71 -7.67 21.65 12.16
CA SER B 71 -8.95 22.33 12.23
C SER B 71 -8.79 23.83 12.22
N TRP B 72 -9.68 24.52 11.56
CA TRP B 72 -9.61 25.99 11.40
C TRP B 72 -11.04 26.49 11.26
N LEU B 73 -11.23 27.78 11.06
CA LEU B 73 -12.59 28.30 10.84
C LEU B 73 -12.69 28.69 9.38
N ASN B 74 -13.84 28.45 8.77
CA ASN B 74 -14.01 28.98 7.42
C ASN B 74 -14.25 30.51 7.44
N GLN B 75 -14.53 31.09 6.28
CA GLN B 75 -14.57 32.53 6.18
C GLN B 75 -15.73 33.12 7.00
N LYS B 76 -16.70 32.25 7.31
CA LYS B 76 -17.88 32.63 8.12
C LYS B 76 -17.75 32.22 9.58
N GLY B 77 -16.59 31.67 9.98
CA GLY B 77 -16.40 31.33 11.39
C GLY B 77 -16.86 29.92 11.75
N LEU B 78 -17.28 29.10 10.78
CA LEU B 78 -17.76 27.76 11.10
C LEU B 78 -16.54 26.82 11.09
N PRO B 79 -16.35 26.06 12.17
CA PRO B 79 -15.20 25.15 12.16
C PRO B 79 -15.14 24.17 10.99
N GLN B 80 -13.94 23.89 10.54
CA GLN B 80 -13.65 22.88 9.52
C GLN B 80 -12.69 21.90 10.16
N VAL B 81 -12.77 20.63 9.75
CA VAL B 81 -11.83 19.62 10.20
C VAL B 81 -11.32 18.83 8.99
N ALA B 82 -10.08 18.36 9.10
CA ALA B 82 -9.46 17.64 7.99
C ALA B 82 -8.32 16.80 8.53
N ILE B 83 -7.85 15.85 7.72
CA ILE B 83 -6.57 15.22 8.02
C ILE B 83 -5.50 15.70 7.06
N GLY B 84 -4.37 16.16 7.60
CA GLY B 84 -3.28 16.56 6.72
C GLY B 84 -2.33 15.41 6.45
N GLU B 85 -1.86 15.27 5.23
CA GLU B 85 -0.83 14.28 4.88
C GLU B 85 0.34 15.06 4.32
N VAL B 86 1.48 14.99 5.01
CA VAL B 86 2.62 15.85 4.68
C VAL B 86 3.83 14.99 4.35
N SER B 87 4.66 15.41 3.39
CA SER B 87 5.91 14.71 3.16
C SER B 87 7.04 15.73 3.18
N ILE B 88 8.02 15.47 4.06
CA ILE B 88 9.21 16.34 4.18
C ILE B 88 10.42 15.59 3.59
N PRO B 89 11.08 16.18 2.59
CA PRO B 89 12.20 15.44 1.97
C PRO B 89 13.33 15.18 2.99
N ALA B 90 13.89 14.00 2.95
CA ALA B 90 15.02 13.69 3.83
C ALA B 90 16.26 14.52 3.58
N THR B 91 16.33 15.19 2.43
CA THR B 91 17.42 16.13 2.11
C THR B 91 17.19 17.51 2.70
N SER B 92 16.07 17.74 3.38
CA SER B 92 15.85 19.08 3.96
C SER B 92 16.89 19.32 5.07
N ALA B 93 17.30 20.55 5.28
CA ALA B 93 18.31 20.77 6.31
C ALA B 93 17.73 20.40 7.68
N ASN B 94 16.41 20.63 7.87
CA ASN B 94 15.81 20.52 9.22
C ASN B 94 14.67 19.54 9.18
N LEU B 95 14.46 18.84 10.30
CA LEU B 95 13.15 18.29 10.58
C LEU B 95 12.37 19.30 11.44
N ILE B 96 11.08 19.02 11.69
CA ILE B 96 10.27 19.95 12.45
C ILE B 96 9.96 19.29 13.78
N GLU B 97 10.21 19.98 14.90
CA GLU B 97 9.97 19.36 16.21
C GLU B 97 8.47 19.20 16.38
N SER B 98 8.06 18.01 16.77
N SER B 98 8.03 18.02 16.79
CA SER B 98 6.67 17.69 16.75
CA SER B 98 6.64 17.69 16.70
C SER B 98 5.75 18.51 17.66
C SER B 98 5.71 18.43 17.69
N LYS B 99 6.15 18.73 18.92
CA LYS B 99 5.33 19.55 19.79
C LYS B 99 5.15 20.96 19.21
N SER B 100 6.19 21.53 18.61
CA SER B 100 6.05 22.84 18.03
C SER B 100 5.11 22.80 16.82
N PHE B 101 5.12 21.71 16.08
CA PHE B 101 4.23 21.48 14.94
C PHE B 101 2.78 21.43 15.46
N LYS B 102 2.55 20.68 16.53
CA LYS B 102 1.18 20.63 17.12
C LYS B 102 0.75 22.06 17.50
N LEU B 103 1.61 22.81 18.21
CA LEU B 103 1.18 24.15 18.66
C LEU B 103 0.94 25.10 17.51
N TYR B 104 1.79 25.02 16.46
CA TYR B 104 1.55 25.75 15.24
C TYR B 104 0.17 25.39 14.66
N LEU B 105 -0.16 24.09 14.56
CA LEU B 105 -1.47 23.72 14.03
C LEU B 105 -2.60 24.25 14.93
N ASN B 106 -2.41 24.19 16.23
CA ASN B 106 -3.44 24.74 17.11
C ASN B 106 -3.73 26.23 16.86
N SER B 107 -2.73 26.95 16.36
CA SER B 107 -2.95 28.33 16.07
C SER B 107 -3.93 28.57 14.90
N TYR B 108 -4.20 27.54 14.10
CA TYR B 108 -5.25 27.59 13.08
C TYR B 108 -6.65 27.54 13.70
N ASN B 109 -6.79 26.98 14.89
CA ASN B 109 -8.10 26.52 15.36
C ASN B 109 -9.18 27.62 15.43
N GLN B 110 -8.75 28.80 15.86
CA GLN B 110 -9.57 30.00 15.96
C GLN B 110 -9.43 31.01 14.85
N THR B 111 -8.76 30.64 13.75
CA THR B 111 -8.47 31.60 12.68
C THR B 111 -9.34 31.31 11.48
N ARG B 112 -9.94 32.36 10.94
CA ARG B 112 -10.68 32.23 9.70
C ARG B 112 -9.77 32.18 8.48
N PHE B 113 -10.03 31.22 7.58
CA PHE B 113 -9.34 31.12 6.28
C PHE B 113 -10.40 31.15 5.18
N ALA B 114 -10.02 31.70 4.06
CA ALA B 114 -10.91 31.88 2.94
C ALA B 114 -11.39 30.60 2.32
N SER B 115 -10.53 29.57 2.28
CA SER B 115 -10.86 28.31 1.64
C SER B 115 -9.89 27.26 2.12
N TRP B 116 -10.20 26.01 1.83
CA TRP B 116 -9.32 24.90 2.10
C TRP B 116 -8.05 25.09 1.33
N ASP B 117 -8.13 25.69 0.15
CA ASP B 117 -6.92 25.97 -0.61
C ASP B 117 -5.99 26.95 0.11
N GLU B 118 -6.55 27.95 0.78
CA GLU B 118 -5.71 28.89 1.52
C GLU B 118 -4.97 28.14 2.65
N VAL B 119 -5.67 27.26 3.34
CA VAL B 119 -5.01 26.47 4.40
C VAL B 119 -3.86 25.64 3.82
N GLN B 120 -4.13 24.94 2.72
N GLN B 120 -4.11 24.96 2.72
CA GLN B 120 -3.09 24.14 2.08
CA GLN B 120 -3.07 24.13 2.14
C GLN B 120 -1.89 25.02 1.73
C GLN B 120 -1.87 24.97 1.64
N THR B 121 -2.13 26.18 1.13
CA THR B 121 -1.08 27.06 0.69
C THR B 121 -0.22 27.52 1.88
N ARG B 122 -0.88 27.87 2.98
CA ARG B 122 -0.17 28.40 4.16
C ARG B 122 0.68 27.27 4.76
N LEU B 123 0.14 26.05 4.84
CA LEU B 123 0.90 24.93 5.36
C LEU B 123 2.12 24.66 4.50
N VAL B 124 1.97 24.61 3.17
CA VAL B 124 3.13 24.37 2.31
C VAL B 124 4.17 25.48 2.57
N HIS B 125 3.74 26.73 2.59
CA HIS B 125 4.71 27.81 2.76
C HIS B 125 5.46 27.70 4.09
N ASP B 126 4.75 27.55 5.20
CA ASP B 126 5.38 27.63 6.52
C ASP B 126 6.22 26.38 6.78
N LEU B 127 5.69 25.21 6.39
CA LEU B 127 6.44 23.96 6.66
C LEU B 127 7.68 23.90 5.78
N SER B 128 7.56 24.35 4.54
CA SER B 128 8.73 24.38 3.65
C SER B 128 9.79 25.33 4.19
N ALA B 129 9.39 26.51 4.66
CA ALA B 129 10.37 27.46 5.20
C ALA B 129 11.07 26.85 6.42
N CYS B 130 10.34 26.15 7.28
CA CYS B 130 10.93 25.57 8.48
C CYS B 130 11.88 24.45 8.18
N ALA B 131 11.47 23.54 7.31
CA ALA B 131 12.29 22.40 6.97
C ALA B 131 13.48 22.83 6.08
N GLY B 132 13.31 23.89 5.30
CA GLY B 132 14.34 24.32 4.39
C GLY B 132 14.30 23.76 3.00
N GLU B 133 13.25 23.02 2.66
CA GLU B 133 13.04 22.49 1.30
C GLU B 133 11.54 22.36 1.14
N THR B 134 11.08 22.35 -0.10
CA THR B 134 9.66 22.26 -0.37
C THR B 134 9.05 20.99 0.23
N VAL B 135 7.99 21.15 1.00
CA VAL B 135 7.24 20.09 1.65
C VAL B 135 5.94 19.92 0.88
N THR B 136 5.49 18.68 0.71
CA THR B 136 4.21 18.37 0.07
C THR B 136 3.12 18.30 1.13
N VAL B 137 1.94 18.87 0.84
CA VAL B 137 0.85 18.86 1.80
C VAL B 137 -0.46 18.59 1.07
N ASN B 138 -1.18 17.58 1.56
N ASN B 138 -1.20 17.62 1.58
CA ASN B 138 -2.54 17.30 1.12
CA ASN B 138 -2.55 17.38 1.08
C ASN B 138 -3.45 17.53 2.33
C ASN B 138 -3.54 17.41 2.23
N VAL B 139 -4.46 18.35 2.16
CA VAL B 139 -5.49 18.57 3.20
C VAL B 139 -6.74 17.82 2.77
N LYS B 140 -7.04 16.73 3.48
CA LYS B 140 -8.08 15.77 3.06
C LYS B 140 -9.33 15.81 3.96
N SER B 141 -10.50 15.84 3.35
N SER B 141 -10.48 15.81 3.32
CA SER B 141 -11.69 15.85 4.15
CA SER B 141 -11.75 15.73 4.01
C SER B 141 -11.82 14.49 4.85
C SER B 141 -11.81 14.43 4.84
N LEU B 142 -12.53 14.44 5.96
CA LEU B 142 -12.63 13.21 6.75
C LEU B 142 -13.32 12.09 5.96
N ASN B 143 -14.24 12.47 5.03
CA ASN B 143 -14.92 11.43 4.26
C ASN B 143 -14.01 10.69 3.30
N GLU B 144 -12.77 11.19 3.10
N GLU B 144 -12.79 11.19 3.07
CA GLU B 144 -11.79 10.47 2.29
CA GLU B 144 -11.85 10.41 2.28
C GLU B 144 -11.27 9.21 2.99
C GLU B 144 -11.54 9.07 2.94
N TYR B 145 -11.61 9.02 4.26
CA TYR B 145 -11.12 7.89 5.03
C TYR B 145 -12.21 6.85 5.30
N THR B 146 -13.49 7.17 4.94
CA THR B 146 -14.54 6.22 5.29
C THR B 146 -14.34 4.90 4.59
N ALA B 147 -14.41 3.81 5.36
CA ALA B 147 -14.27 2.44 4.84
C ALA B 147 -12.82 2.08 4.46
N GLU B 148 -11.88 2.98 4.74
CA GLU B 148 -10.47 2.61 4.45
C GLU B 148 -10.01 1.57 5.48
N PRO B 149 -9.34 0.51 5.01
CA PRO B 149 -8.89 -0.52 5.96
C PRO B 149 -7.58 -0.20 6.63
N ILE B 150 -7.47 -0.69 7.86
CA ILE B 150 -6.18 -0.75 8.55
C ILE B 150 -5.29 -1.79 7.85
N VAL B 151 -4.03 -1.47 7.73
CA VAL B 151 -3.06 -2.39 7.10
C VAL B 151 -2.05 -2.88 8.11
N THR B 152 -1.46 -4.05 7.84
CA THR B 152 -0.23 -4.45 8.51
C THR B 152 0.95 -4.33 7.54
N GLN B 154 4.45 -5.75 5.43
CA GLN B 154 4.65 -6.76 4.39
C GLN B 154 5.72 -7.74 4.77
N GLY B 155 5.59 -8.93 4.19
CA GLY B 155 6.59 -9.95 4.41
C GLY B 155 6.45 -10.59 5.79
N GLU B 156 7.56 -11.08 6.28
CA GLU B 156 7.59 -11.94 7.43
C GLU B 156 7.76 -11.12 8.72
N CYS B 157 6.86 -11.30 9.68
CA CYS B 157 7.00 -10.70 10.99
C CYS B 157 8.03 -11.51 11.76
N ILE B 158 9.03 -10.82 12.35
CA ILE B 158 10.11 -11.47 13.07
C ILE B 158 9.89 -11.58 14.56
N ASP B 159 8.70 -11.20 15.02
CA ASP B 159 8.50 -11.02 16.47
C ASP B 159 8.23 -12.28 17.25
N ASP B 160 7.79 -13.35 16.61
N ASP B 160 7.80 -13.34 16.60
CA ASP B 160 7.38 -14.51 17.43
CA ASP B 160 7.41 -14.49 17.39
C ASP B 160 8.57 -15.47 17.52
C ASP B 160 8.65 -15.37 17.41
N GLN B 161 9.50 -15.10 18.39
CA GLN B 161 10.69 -15.86 18.72
C GLN B 161 10.73 -16.17 20.20
N ASP B 162 11.08 -17.41 20.53
CA ASP B 162 11.17 -17.83 21.91
C ASP B 162 12.56 -17.52 22.41
N ILE B 163 12.86 -16.26 22.65
CA ILE B 163 14.17 -15.86 23.06
C ILE B 163 14.09 -15.06 24.36
N GLU B 164 15.20 -15.07 25.07
CA GLU B 164 15.30 -14.36 26.32
C GLU B 164 16.12 -13.08 26.17
N ILE B 165 15.56 -11.98 26.67
CA ILE B 165 16.22 -10.66 26.62
C ILE B 165 16.81 -10.40 28.00
N ALA B 166 18.13 -10.29 28.11
CA ALA B 166 18.80 -10.15 29.41
C ALA B 166 18.99 -8.72 29.91
N ASN B 167 18.94 -7.75 29.01
CA ASN B 167 19.11 -6.36 29.36
C ASN B 167 18.50 -5.48 28.29
N TYR B 168 18.34 -4.19 28.57
CA TYR B 168 17.71 -3.24 27.66
C TYR B 168 18.57 -2.05 27.20
N GLU B 169 19.87 -2.35 27.20
N GLU B 169 19.87 -2.35 27.18
CA GLU B 169 20.87 -1.41 26.72
CA GLU B 169 20.85 -1.38 26.70
C GLU B 169 21.00 -1.45 25.20
C GLU B 169 21.02 -1.41 25.18
N PHE B 170 21.04 -0.26 24.62
CA PHE B 170 21.22 -0.23 23.18
C PHE B 170 22.54 -0.84 22.75
N ASP B 171 22.53 -1.71 21.76
CA ASP B 171 23.76 -2.33 21.35
C ASP B 171 23.75 -2.61 19.84
N ASP B 172 24.42 -1.76 19.08
N ASP B 172 24.43 -1.77 19.07
CA ASP B 172 24.43 -1.96 17.65
CA ASP B 172 24.47 -1.96 17.63
C ASP B 172 25.28 -3.17 17.24
C ASP B 172 25.22 -3.23 17.27
N ALA B 173 26.16 -3.65 18.13
CA ALA B 173 26.95 -4.83 17.84
C ALA B 173 26.13 -6.12 17.87
N LEU B 174 24.83 -6.02 18.25
CA LEU B 174 23.95 -7.19 18.13
C LEU B 174 23.84 -7.58 16.65
N LEU B 175 24.14 -6.67 15.74
CA LEU B 175 24.12 -6.97 14.28
C LEU B 175 25.45 -7.56 13.77
N GLN B 176 26.46 -7.66 14.61
N GLN B 176 26.45 -7.67 14.63
CA GLN B 176 27.75 -8.17 14.14
CA GLN B 176 27.74 -8.15 14.11
C GLN B 176 27.61 -9.60 13.61
C GLN B 176 27.62 -9.59 13.61
N GLY B 177 27.98 -9.83 12.35
CA GLY B 177 27.84 -11.15 11.79
C GLY B 177 26.41 -11.56 11.52
N ALA B 178 25.44 -10.63 11.53
CA ALA B 178 24.05 -10.98 11.36
C ALA B 178 23.72 -11.38 9.94
N ALA B 179 24.57 -11.04 8.94
CA ALA B 179 24.10 -11.37 7.59
C ALA B 179 25.08 -12.31 6.99
N GLN B 180 24.81 -13.57 7.29
CA GLN B 180 25.70 -14.62 6.87
C GLN B 180 25.10 -15.53 5.88
N GLY B 181 23.85 -15.34 5.53
CA GLY B 181 23.18 -16.30 4.68
C GLY B 181 23.40 -16.09 3.21
N GLU B 182 22.76 -16.94 2.42
CA GLU B 182 22.77 -16.85 0.96
C GLU B 182 22.12 -15.55 0.47
N GLU B 183 22.44 -15.18 -0.76
CA GLU B 183 21.88 -13.99 -1.34
C GLU B 183 20.35 -14.10 -1.42
N VAL B 184 19.64 -13.12 -0.88
CA VAL B 184 18.18 -13.09 -0.92
C VAL B 184 17.70 -11.70 -1.19
N SER B 185 16.43 -11.59 -1.62
CA SER B 185 15.70 -10.34 -1.56
C SER B 185 14.46 -10.66 -0.77
N GLU B 186 14.26 -9.92 0.29
CA GLU B 186 13.11 -10.22 1.15
C GLU B 186 12.68 -9.00 1.99
N VAL B 187 11.49 -9.09 2.57
CA VAL B 187 10.94 -8.04 3.39
C VAL B 187 10.63 -8.66 4.73
N LEU B 188 11.10 -8.00 5.77
CA LEU B 188 10.88 -8.39 7.17
C LEU B 188 10.21 -7.23 7.91
N HIS B 189 9.49 -7.51 9.00
CA HIS B 189 9.04 -6.41 9.83
C HIS B 189 8.89 -6.79 11.26
N SER B 190 8.81 -5.76 12.11
CA SER B 190 8.58 -5.98 13.54
C SER B 190 7.66 -4.92 14.07
N HIS B 191 6.79 -5.31 15.01
CA HIS B 191 5.93 -4.35 15.70
C HIS B 191 6.53 -3.93 17.06
N LEU B 192 7.74 -4.36 17.34
CA LEU B 192 8.28 -4.26 18.69
C LEU B 192 9.22 -3.11 18.90
N LEU B 193 9.27 -2.20 17.94
CA LEU B 193 10.15 -1.06 18.08
C LEU B 193 9.61 -0.07 19.10
N LYS B 194 10.44 0.24 20.09
CA LYS B 194 10.10 1.24 21.09
C LYS B 194 11.39 1.98 21.44
N SER B 195 11.27 3.27 21.72
CA SER B 195 12.39 4.06 22.21
C SER B 195 11.82 5.16 23.09
N ASN B 196 12.65 5.90 23.82
N ASN B 196 12.73 5.91 23.70
CA ASN B 196 12.07 6.97 24.65
CA ASN B 196 12.37 7.05 24.56
C ASN B 196 12.35 8.31 23.96
C ASN B 196 12.39 8.36 23.76
N CYS B 197 11.30 9.09 23.79
CA CYS B 197 11.42 10.36 23.06
C CYS B 197 12.41 11.28 23.73
N LEU B 198 13.32 11.84 22.94
CA LEU B 198 14.45 12.52 23.53
C LEU B 198 14.05 13.65 24.46
N ILE B 199 13.07 14.44 24.10
CA ILE B 199 12.86 15.65 24.88
C ILE B 199 11.78 15.59 25.96
N THR B 200 11.08 14.47 26.02
CA THR B 200 9.99 14.32 26.97
C THR B 200 10.08 13.07 27.81
N ASN B 201 10.93 12.16 27.42
CA ASN B 201 11.03 10.88 28.07
C ASN B 201 9.73 10.05 28.00
N GLN B 202 8.85 10.34 27.04
CA GLN B 202 7.67 9.48 26.87
C GLN B 202 7.94 8.44 25.82
N PRO B 203 7.36 7.26 25.96
CA PRO B 203 7.62 6.23 24.96
C PRO B 203 7.23 6.53 23.52
N ASP B 204 8.11 6.08 22.63
N ASP B 204 8.03 6.01 22.62
CA ASP B 204 7.91 6.07 21.16
CA ASP B 204 7.66 6.05 21.23
C ASP B 204 7.42 4.64 20.86
C ASP B 204 7.49 4.66 20.68
N TRP B 205 6.38 4.44 20.06
CA TRP B 205 5.94 3.12 19.63
C TRP B 205 5.90 3.02 18.14
N GLY B 206 6.57 2.03 17.60
CA GLY B 206 6.62 1.85 16.16
C GLY B 206 6.63 0.43 15.64
N SER B 207 6.20 0.31 14.39
CA SER B 207 6.39 -0.86 13.58
C SER B 207 7.41 -0.48 12.50
N VAL B 208 8.24 -1.41 12.09
CA VAL B 208 9.29 -1.13 11.11
C VAL B 208 9.38 -2.23 10.10
N GLU B 209 9.44 -1.84 8.82
CA GLU B 209 9.54 -2.77 7.70
C GLU B 209 10.93 -2.58 7.03
N ILE B 210 11.62 -3.69 6.77
CA ILE B 210 12.98 -3.70 6.26
C ILE B 210 12.99 -4.59 5.03
N ALA B 211 13.20 -3.96 3.87
CA ALA B 211 13.25 -4.66 2.59
C ALA B 211 14.70 -4.58 2.08
N TYR B 212 15.29 -5.72 1.70
CA TYR B 212 16.68 -5.64 1.26
C TYR B 212 17.01 -6.73 0.28
N HIS B 213 18.10 -6.48 -0.42
CA HIS B 213 18.74 -7.50 -1.28
C HIS B 213 20.16 -7.63 -0.74
N GLY B 214 20.53 -8.81 -0.26
CA GLY B 214 21.85 -9.01 0.34
C GLY B 214 21.94 -10.37 0.97
N ALA B 215 23.04 -10.61 1.68
CA ALA B 215 23.16 -11.88 2.44
C ALA B 215 22.01 -11.96 3.44
N LYS B 216 21.42 -13.13 3.55
CA LYS B 216 20.21 -13.28 4.40
C LYS B 216 20.53 -13.00 5.87
N ASN B 218 20.09 -12.89 9.98
CA ASN B 218 19.66 -13.68 11.10
C ASN B 218 18.52 -12.95 11.80
N ARG B 219 17.37 -13.60 11.90
CA ARG B 219 16.18 -12.98 12.50
C ARG B 219 16.31 -12.66 13.99
N GLU B 220 17.00 -13.53 14.73
CA GLU B 220 17.16 -13.34 16.16
C GLU B 220 18.03 -12.10 16.36
N ALA B 221 19.14 -11.97 15.60
CA ALA B 221 20.02 -10.81 15.78
C ALA B 221 19.26 -9.51 15.46
N LEU B 222 18.47 -9.54 14.38
CA LEU B 222 17.77 -8.33 13.97
C LEU B 222 16.73 -7.94 15.07
N LEU B 223 15.98 -8.93 15.54
CA LEU B 223 15.00 -8.66 16.61
C LEU B 223 15.66 -8.10 17.90
N ARG B 224 16.76 -8.75 18.32
CA ARG B 224 17.46 -8.26 19.51
C ARG B 224 17.94 -6.83 19.31
N TYR B 225 18.51 -6.54 18.12
CA TYR B 225 18.95 -5.19 17.84
C TYR B 225 17.81 -4.20 17.99
N LEU B 226 16.67 -4.47 17.37
CA LEU B 226 15.55 -3.55 17.48
C LEU B 226 15.04 -3.42 18.91
N VAL B 227 14.95 -4.50 19.63
CA VAL B 227 14.52 -4.46 21.03
C VAL B 227 15.48 -3.63 21.88
N SER B 228 16.72 -3.57 21.51
CA SER B 228 17.72 -2.83 22.26
C SER B 228 17.54 -1.32 22.25
N PHE B 229 16.69 -0.81 21.37
CA PHE B 229 16.30 0.60 21.37
C PHE B 229 15.40 0.99 22.55
N ARG B 230 14.89 0.01 23.29
CA ARG B 230 13.70 0.19 24.13
C ARG B 230 13.84 1.33 25.14
N GLU B 231 15.02 1.53 25.70
CA GLU B 231 15.26 2.60 26.67
C GLU B 231 16.24 3.64 26.14
N HIS B 232 16.39 3.69 24.83
CA HIS B 232 17.31 4.65 24.17
C HIS B 232 16.61 5.95 23.73
N ASN B 233 17.23 7.10 23.95
CA ASN B 233 16.62 8.36 23.58
C ASN B 233 16.76 8.57 22.09
N GLU B 234 15.65 8.85 21.43
CA GLU B 234 15.59 8.95 19.99
C GLU B 234 14.58 9.96 19.54
N PHE B 235 14.74 10.43 18.32
CA PHE B 235 13.64 10.97 17.53
C PHE B 235 13.36 9.89 16.47
N HIS B 236 12.13 9.88 15.96
CA HIS B 236 11.71 8.85 15.03
C HIS B 236 12.56 8.84 13.79
N GLU B 237 12.79 10.03 13.25
CA GLU B 237 13.58 10.22 12.04
C GLU B 237 15.00 9.69 12.26
N GLN B 238 15.65 10.06 13.38
N GLN B 238 15.59 10.02 13.40
CA GLN B 238 17.00 9.59 13.59
CA GLN B 238 16.97 9.65 13.69
C GLN B 238 17.08 8.11 13.93
C GLN B 238 17.11 8.18 13.97
N CYS B 239 16.04 7.56 14.57
N CYS B 239 16.08 7.61 14.56
CA CYS B 239 16.07 6.15 14.84
CA CYS B 239 16.01 6.18 14.77
C CYS B 239 16.07 5.36 13.51
C CYS B 239 16.11 5.42 13.47
N VAL B 240 15.22 5.75 12.57
CA VAL B 240 15.20 5.06 11.27
C VAL B 240 16.56 5.23 10.56
N GLU B 241 17.16 6.42 10.62
CA GLU B 241 18.50 6.60 10.04
C GLU B 241 19.56 5.74 10.72
N ARG B 242 19.49 5.57 12.02
CA ARG B 242 20.38 4.68 12.73
C ARG B 242 20.18 3.23 12.36
N ILE B 243 18.95 2.76 12.27
CA ILE B 243 18.71 1.41 11.84
C ILE B 243 19.26 1.20 10.41
N PHE B 244 18.96 2.14 9.51
CA PHE B 244 19.46 2.00 8.14
C PHE B 244 21.00 1.90 8.15
N THR B 245 21.67 2.82 8.83
CA THR B 245 23.13 2.89 8.73
C THR B 245 23.79 1.73 9.48
N ASP B 246 23.18 1.25 10.57
CA ASP B 246 23.71 0.06 11.26
C ASP B 246 23.55 -1.17 10.41
N ILE B 247 22.38 -1.35 9.80
CA ILE B 247 22.24 -2.49 8.89
C ILE B 247 23.24 -2.40 7.76
N ARG B 249 26.22 -0.92 7.61
CA ARG B 249 27.57 -1.24 8.02
C ARG B 249 27.83 -2.65 8.49
N TYR B 250 26.91 -3.24 9.25
CA TYR B 250 27.08 -4.59 9.75
C TYR B 250 26.69 -5.68 8.78
N CYS B 251 25.61 -5.46 8.03
CA CYS B 251 25.07 -6.46 7.12
C CYS B 251 25.37 -6.27 5.66
N GLN B 252 25.80 -5.05 5.28
CA GLN B 252 26.22 -4.75 3.90
C GLN B 252 25.29 -5.32 2.79
N PRO B 253 23.97 -5.09 2.91
CA PRO B 253 23.13 -5.46 1.76
C PRO B 253 23.49 -4.60 0.57
N GLN B 254 23.17 -5.11 -0.63
CA GLN B 254 23.33 -4.31 -1.82
C GLN B 254 22.28 -3.22 -1.98
N SER B 255 21.07 -3.46 -1.49
N SER B 255 21.06 -3.48 -1.54
CA SER B 255 19.98 -2.50 -1.58
CA SER B 255 19.92 -2.52 -1.60
C SER B 255 19.18 -2.61 -0.25
C SER B 255 19.22 -2.61 -0.23
N LEU B 256 18.76 -1.48 0.31
CA LEU B 256 18.08 -1.49 1.59
C LEU B 256 17.02 -0.41 1.65
N THR B 257 15.88 -0.75 2.23
CA THR B 257 14.80 0.23 2.50
C THR B 257 14.30 -0.03 3.92
N VAL B 258 14.25 1.02 4.74
CA VAL B 258 13.67 0.94 6.08
C VAL B 258 12.54 1.95 6.19
N TYR B 259 11.35 1.47 6.56
CA TYR B 259 10.20 2.34 6.65
C TYR B 259 9.53 2.06 7.99
N ALA B 260 9.47 3.07 8.87
CA ALA B 260 8.83 2.83 10.17
C ALA B 260 7.58 3.66 10.22
N ARG B 261 6.60 3.15 10.93
CA ARG B 261 5.33 3.82 11.15
C ARG B 261 5.12 3.92 12.66
N TYR B 262 5.17 5.13 13.17
CA TYR B 262 5.05 5.38 14.62
C TYR B 262 3.66 5.81 15.00
N THR B 263 3.28 5.51 16.25
CA THR B 263 2.03 6.05 16.78
C THR B 263 2.17 7.54 17.01
N ARG B 264 1.04 8.25 16.94
CA ARG B 264 1.07 9.70 17.09
C ARG B 264 1.54 10.14 18.49
N LEU B 265 2.07 11.36 18.50
CA LEU B 265 2.22 12.09 19.73
C LEU B 265 1.51 13.42 19.55
N GLY B 266 0.63 13.82 20.44
CA GLY B 266 -0.05 15.09 20.30
C GLY B 266 -0.80 15.28 18.99
N GLY B 267 -1.38 14.21 18.49
CA GLY B 267 -2.23 14.32 17.33
C GLY B 267 -1.50 14.24 15.99
N LEU B 268 -0.18 14.02 15.99
CA LEU B 268 0.62 13.98 14.76
C LEU B 268 1.46 12.72 14.79
N ASP B 269 1.51 11.99 13.67
CA ASP B 269 2.47 10.89 13.60
C ASP B 269 3.53 11.11 12.51
N ILE B 270 4.64 10.41 12.67
CA ILE B 270 5.79 10.51 11.76
C ILE B 270 6.11 9.10 11.27
N ASN B 271 6.41 8.99 9.99
CA ASN B 271 6.67 7.71 9.32
C ASN B 271 7.87 7.91 8.44
N PRO B 272 9.08 7.75 9.02
CA PRO B 272 10.29 8.03 8.21
C PRO B 272 10.56 6.86 7.28
N PHE B 273 10.94 7.21 6.07
CA PHE B 273 11.22 6.28 4.99
C PHE B 273 12.65 6.57 4.48
N ARG B 274 13.55 5.59 4.53
CA ARG B 274 14.92 5.77 4.07
C ARG B 274 15.29 4.59 3.20
N SER B 275 15.83 4.89 2.03
CA SER B 275 16.12 3.84 1.07
C SER B 275 17.40 4.13 0.27
N SER B 276 18.07 3.08 -0.18
CA SER B 276 19.18 3.20 -1.13
C SER B 276 18.73 3.85 -2.40
N HIS B 277 17.55 3.35 -2.92
N HIS B 277 17.58 3.36 -2.84
CA HIS B 277 17.12 3.65 -4.29
CA HIS B 277 17.22 3.47 -4.21
C HIS B 277 15.82 4.38 -4.46
C HIS B 277 15.94 4.25 -4.45
N GLN B 278 15.01 4.41 -3.44
N GLN B 278 15.16 4.35 -3.42
CA GLN B 278 13.66 4.88 -3.59
CA GLN B 278 13.77 4.82 -3.59
C GLN B 278 13.52 6.19 -2.88
C GLN B 278 13.54 6.17 -2.88
N SER B 279 12.81 7.10 -3.52
CA SER B 279 12.58 8.44 -3.02
C SER B 279 11.40 8.54 -1.99
N ALA B 280 10.40 7.65 -2.15
CA ALA B 280 9.19 7.71 -1.36
C ALA B 280 8.63 6.32 -1.34
N PRO B 281 7.83 6.03 -0.32
CA PRO B 281 7.13 4.72 -0.34
C PRO B 281 5.98 4.69 -1.37
N ASN B 282 5.60 3.49 -1.78
CA ASN B 282 4.52 3.29 -2.74
C ASN B 282 3.20 3.05 -2.05
N HIS B 283 3.20 3.23 -0.73
CA HIS B 283 1.93 3.15 0.02
C HIS B 283 2.03 4.01 1.30
N ASN B 284 0.93 4.64 1.67
CA ASN B 284 0.86 5.33 2.94
C ASN B 284 -0.49 4.98 3.51
N GLN B 285 -0.50 4.05 4.43
CA GLN B 285 -1.78 3.57 4.98
C GLN B 285 -1.55 3.35 6.47
N ARG B 286 -2.57 3.58 7.26
CA ARG B 286 -2.41 3.51 8.71
C ARG B 286 -2.40 2.08 9.25
N ALA B 288 -2.45 -0.55 12.83
CA ALA B 288 -3.44 -0.74 13.91
C ALA B 288 -3.28 0.24 15.07
N ARG B 289 -2.04 0.45 15.52
CA ARG B 289 -1.86 1.34 16.67
C ARG B 289 -1.82 2.79 16.30
N GLN B 290 -1.71 3.10 15.00
CA GLN B 290 -1.66 4.50 14.59
C GLN B 290 -3.05 5.12 14.65
N ASN C 32 11.69 5.51 -37.36
CA ASN C 32 11.78 4.87 -36.06
C ASN C 32 11.99 5.94 -35.00
N GLN C 33 11.58 7.18 -35.27
CA GLN C 33 11.89 8.24 -34.32
C GLN C 33 10.60 8.67 -33.58
N TYR C 34 10.83 9.34 -32.45
CA TYR C 34 9.76 9.80 -31.56
C TYR C 34 8.62 10.49 -32.34
N ASP C 35 7.40 10.03 -32.04
CA ASP C 35 6.23 10.38 -32.83
C ASP C 35 4.97 10.47 -31.98
N PRO C 36 4.69 11.66 -31.42
CA PRO C 36 3.47 11.78 -30.61
C PRO C 36 2.18 11.59 -31.41
N SER C 37 2.21 11.65 -32.73
CA SER C 37 0.96 11.41 -33.47
C SER C 37 0.43 9.99 -33.35
N LEU C 38 1.23 9.06 -32.83
CA LEU C 38 0.77 7.68 -32.69
C LEU C 38 -0.26 7.52 -31.60
N LEU C 39 -0.28 8.41 -30.61
CA LEU C 39 -1.28 8.32 -29.52
C LEU C 39 -2.69 8.52 -30.06
N GLN C 40 -3.62 7.67 -29.64
N GLN C 40 -3.61 7.66 -29.62
CA GLN C 40 -5.03 7.80 -30.06
CA GLN C 40 -5.03 7.77 -30.00
C GLN C 40 -5.90 7.95 -28.80
C GLN C 40 -5.88 7.96 -28.74
N PRO C 41 -6.55 9.10 -28.64
CA PRO C 41 -7.53 9.28 -27.55
C PRO C 41 -8.83 8.59 -27.83
N VAL C 42 -9.51 8.15 -26.80
CA VAL C 42 -10.87 7.61 -26.86
C VAL C 42 -11.69 8.40 -25.87
N PRO C 43 -12.79 9.02 -26.29
CA PRO C 43 -13.53 9.83 -25.32
C PRO C 43 -14.23 9.00 -24.25
N ARG C 44 -14.11 9.41 -23.01
CA ARG C 44 -14.79 8.70 -21.91
C ARG C 44 -16.30 8.76 -22.03
N SER C 45 -16.80 9.77 -22.74
CA SER C 45 -18.24 9.99 -22.87
C SER C 45 -18.95 8.82 -23.57
N LEU C 46 -18.28 8.04 -24.44
CA LEU C 46 -19.01 6.97 -25.15
C LEU C 46 -19.66 6.01 -24.16
N ASN C 47 -18.87 5.42 -23.28
CA ASN C 47 -19.41 4.49 -22.34
C ASN C 47 -20.13 5.19 -21.20
N ARG C 48 -19.74 6.41 -20.81
CA ARG C 48 -20.45 7.07 -19.72
C ARG C 48 -21.88 7.37 -20.16
N ASN C 49 -22.09 7.70 -21.45
CA ASN C 49 -23.45 7.92 -21.88
C ASN C 49 -24.19 6.60 -21.87
N ASP C 50 -23.51 5.49 -22.21
CA ASP C 50 -24.17 4.17 -22.15
C ASP C 50 -24.55 3.80 -20.73
N LEU C 51 -23.81 4.32 -19.73
CA LEU C 51 -24.14 4.06 -18.32
C LEU C 51 -25.16 5.04 -17.79
N HIS C 52 -25.63 5.94 -18.65
CA HIS C 52 -26.62 6.97 -18.27
C HIS C 52 -26.11 7.96 -17.25
N LEU C 53 -24.80 8.25 -17.31
CA LEU C 53 -24.24 9.28 -16.41
C LEU C 53 -24.41 10.67 -16.96
N SER C 54 -24.57 11.64 -16.06
CA SER C 54 -24.47 13.02 -16.54
C SER C 54 -23.03 13.47 -16.63
N ALA C 55 -22.80 14.69 -17.10
CA ALA C 55 -21.43 15.19 -17.15
C ALA C 55 -20.96 15.46 -15.74
N THR C 56 -21.89 15.52 -14.78
CA THR C 56 -21.50 15.63 -13.38
C THR C 56 -21.35 14.21 -12.80
N LEU C 57 -20.11 13.79 -12.58
CA LEU C 57 -19.83 12.38 -12.35
C LEU C 57 -20.20 11.96 -10.94
N PRO C 58 -20.65 10.71 -10.76
CA PRO C 58 -20.91 10.08 -9.47
C PRO C 58 -19.64 9.69 -8.75
N PHE C 59 -18.50 9.85 -9.39
CA PHE C 59 -17.25 9.38 -8.80
C PHE C 59 -16.12 10.36 -9.13
N GLN C 60 -15.06 10.20 -8.40
CA GLN C 60 -13.78 10.85 -8.67
C GLN C 60 -12.78 9.74 -8.84
N GLY C 61 -11.58 10.07 -9.32
CA GLY C 61 -10.56 9.06 -9.39
C GLY C 61 -9.59 9.27 -10.54
N CYS C 62 -8.97 8.18 -10.97
CA CYS C 62 -7.85 8.28 -11.92
C CYS C 62 -7.58 6.93 -12.48
N ASP C 63 -6.84 6.89 -13.60
CA ASP C 63 -6.40 5.63 -14.16
C ASP C 63 -4.90 5.58 -13.98
N ILE C 64 -4.43 4.61 -13.18
CA ILE C 64 -2.99 4.47 -12.94
C ILE C 64 -2.45 3.48 -13.97
N TRP C 65 -1.44 3.88 -14.73
CA TRP C 65 -0.82 3.02 -15.73
C TRP C 65 0.58 2.67 -15.31
N THR C 66 1.02 1.46 -15.59
CA THR C 66 2.43 1.10 -15.41
C THR C 66 3.01 0.83 -16.79
N LEU C 67 4.15 1.46 -17.10
CA LEU C 67 4.81 1.28 -18.42
C LEU C 67 6.06 0.48 -18.13
N TYR C 68 5.99 -0.84 -18.37
CA TYR C 68 7.08 -1.73 -17.96
C TYR C 68 8.25 -1.70 -18.92
N GLU C 69 8.01 -1.24 -20.13
CA GLU C 69 8.94 -1.32 -21.28
C GLU C 69 9.59 -0.04 -21.75
N LEU C 70 9.49 0.99 -20.99
CA LEU C 70 9.95 2.28 -21.40
C LEU C 70 11.48 2.26 -21.62
N SER C 71 11.89 2.64 -22.84
CA SER C 71 13.31 2.59 -23.20
C SER C 71 13.59 3.62 -24.27
N TRP C 72 14.73 4.27 -24.19
CA TRP C 72 15.13 5.31 -25.14
C TRP C 72 16.65 5.28 -25.24
N LEU C 73 17.24 6.18 -25.99
CA LEU C 73 18.69 6.28 -26.04
C LEU C 73 19.09 7.54 -25.28
N ASN C 74 20.21 7.49 -24.56
CA ASN C 74 20.73 8.72 -23.98
C ASN C 74 21.39 9.62 -25.06
N GLN C 75 21.99 10.73 -24.63
CA GLN C 75 22.51 11.71 -25.60
C GLN C 75 23.63 11.13 -26.42
N LYS C 76 24.25 10.08 -25.89
CA LYS C 76 25.37 9.38 -26.58
C LYS C 76 24.93 8.11 -27.31
N GLY C 77 23.62 7.81 -27.34
CA GLY C 77 23.15 6.63 -28.08
C GLY C 77 23.11 5.35 -27.25
N LEU C 78 23.41 5.42 -25.95
CA LEU C 78 23.43 4.19 -25.14
C LEU C 78 21.98 3.99 -24.64
N PRO C 79 21.43 2.79 -24.87
CA PRO C 79 20.06 2.57 -24.34
C PRO C 79 19.89 2.83 -22.85
N GLN C 80 18.71 3.33 -22.48
CA GLN C 80 18.26 3.51 -21.12
C GLN C 80 16.99 2.71 -20.96
N VAL C 81 16.74 2.17 -19.78
CA VAL C 81 15.48 1.51 -19.48
C VAL C 81 14.91 2.01 -18.15
N ALA C 82 13.59 2.04 -18.05
CA ALA C 82 12.93 2.57 -16.86
C ALA C 82 11.54 1.99 -16.78
N ILE C 83 10.90 2.11 -15.62
CA ILE C 83 9.45 1.89 -15.56
C ILE C 83 8.75 3.19 -15.38
N GLY C 84 7.72 3.42 -16.22
CA GLY C 84 6.94 4.63 -16.05
C GLY C 84 5.72 4.39 -15.15
N GLU C 85 5.41 5.31 -14.27
CA GLU C 85 4.17 5.29 -13.47
C GLU C 85 3.40 6.53 -13.84
N VAL C 86 2.20 6.34 -14.38
CA VAL C 86 1.41 7.44 -14.92
C VAL C 86 0.05 7.49 -14.22
N SER C 87 -0.45 8.69 -13.98
CA SER C 87 -1.82 8.79 -13.49
C SER C 87 -2.58 9.75 -14.39
N ILE C 88 -3.70 9.24 -14.95
CA ILE C 88 -4.57 10.07 -15.77
C ILE C 88 -5.88 10.39 -15.00
N PRO C 89 -6.21 11.69 -14.83
CA PRO C 89 -7.42 12.01 -14.04
C PRO C 89 -8.68 11.44 -14.68
N ALA C 90 -9.58 10.92 -13.88
CA ALA C 90 -10.84 10.41 -14.41
C ALA C 90 -11.74 11.49 -15.01
N THR C 91 -11.42 12.74 -14.73
CA THR C 91 -12.13 13.92 -15.33
C THR C 91 -11.58 14.28 -16.69
N SER C 92 -10.53 13.61 -17.16
CA SER C 92 -10.00 13.96 -18.48
C SER C 92 -11.05 13.62 -19.53
N ALA C 93 -11.10 14.39 -20.62
CA ALA C 93 -12.11 14.08 -21.65
C ALA C 93 -11.87 12.69 -22.22
N ASN C 94 -10.59 12.30 -22.37
CA ASN C 94 -10.25 11.09 -23.11
C ASN C 94 -9.44 10.14 -22.24
N LEU C 95 -9.61 8.83 -22.48
CA LEU C 95 -8.58 7.90 -22.09
C LEU C 95 -7.65 7.70 -23.28
N ILE C 96 -6.54 6.98 -23.10
CA ILE C 96 -5.60 6.76 -24.19
C ILE C 96 -5.71 5.30 -24.58
N GLU C 97 -5.87 5.01 -25.88
CA GLU C 97 -6.00 3.60 -26.28
C GLU C 97 -4.64 2.92 -26.09
N SER C 98 -4.66 1.77 -25.43
N SER C 98 -4.64 1.74 -25.46
CA SER C 98 -3.45 1.14 -25.02
CA SER C 98 -3.40 1.15 -24.98
C SER C 98 -2.44 0.76 -26.12
C SER C 98 -2.42 0.63 -26.06
N LYS C 99 -2.91 0.09 -27.19
CA LYS C 99 -1.99 -0.27 -28.25
C LYS C 99 -1.32 1.00 -28.84
N SER C 100 -2.07 2.09 -28.98
CA SER C 100 -1.49 3.32 -29.52
C SER C 100 -0.46 3.88 -28.52
N PHE C 101 -0.71 3.72 -27.23
CA PHE C 101 0.23 4.11 -26.18
C PHE C 101 1.51 3.27 -26.30
N LYS C 102 1.38 1.95 -26.50
CA LYS C 102 2.57 1.10 -26.66
C LYS C 102 3.36 1.58 -27.89
N LEU C 103 2.69 1.82 -29.03
CA LEU C 103 3.44 2.20 -30.24
C LEU C 103 4.08 3.57 -30.10
N TYR C 104 3.40 4.49 -29.42
CA TYR C 104 4.00 5.77 -29.10
C TYR C 104 5.27 5.53 -28.25
N LEU C 105 5.20 4.66 -27.22
CA LEU C 105 6.38 4.44 -26.41
C LEU C 105 7.50 3.80 -27.24
N ASN C 106 7.16 2.88 -28.13
CA ASN C 106 8.18 2.29 -28.98
C ASN C 106 8.93 3.32 -29.82
N SER C 107 8.27 4.41 -30.16
CA SER C 107 8.93 5.46 -30.93
C SER C 107 10.07 6.13 -30.17
N TYR C 108 10.15 5.95 -28.85
CA TYR C 108 11.27 6.42 -28.09
C TYR C 108 12.51 5.54 -28.24
N ASN C 109 12.30 4.29 -28.64
CA ASN C 109 13.35 3.26 -28.43
C ASN C 109 14.68 3.58 -29.14
N GLN C 110 14.56 4.15 -30.34
CA GLN C 110 15.69 4.57 -31.16
C GLN C 110 15.99 6.07 -31.14
N THR C 111 15.41 6.81 -30.21
CA THR C 111 15.55 8.27 -30.19
C THR C 111 16.45 8.69 -29.03
N ARG C 112 17.41 9.58 -29.33
CA ARG C 112 18.27 10.16 -28.30
C ARG C 112 17.56 11.28 -27.56
N PHE C 113 17.62 11.22 -26.23
CA PHE C 113 17.10 12.28 -25.36
C PHE C 113 18.23 12.79 -24.49
N ALA C 114 18.18 14.07 -24.19
CA ALA C 114 19.23 14.73 -23.44
C ALA C 114 19.41 14.22 -22.03
N SER C 115 18.32 13.85 -21.38
CA SER C 115 18.32 13.39 -20.00
C SER C 115 17.01 12.66 -19.70
N TRP C 116 16.98 12.00 -18.55
CA TRP C 116 15.75 11.41 -18.04
C TRP C 116 14.71 12.47 -17.81
N ASP C 117 15.12 13.67 -17.41
CA ASP C 117 14.17 14.76 -17.26
C ASP C 117 13.49 15.12 -18.58
N GLU C 118 14.23 15.10 -19.69
CA GLU C 118 13.62 15.41 -20.98
C GLU C 118 12.55 14.34 -21.31
N VAL C 119 12.85 13.06 -21.07
CA VAL C 119 11.84 12.02 -21.32
C VAL C 119 10.60 12.27 -20.48
N GLN C 120 10.76 12.56 -19.18
N GLN C 120 10.78 12.59 -19.21
CA GLN C 120 9.60 12.78 -18.33
CA GLN C 120 9.62 12.75 -18.36
C GLN C 120 8.79 13.96 -18.85
C GLN C 120 8.79 13.97 -18.81
N THR C 121 9.47 15.03 -19.24
CA THR C 121 8.81 16.23 -19.72
C THR C 121 8.00 15.93 -20.98
N ARG C 122 8.60 15.19 -21.91
CA ARG C 122 7.90 14.85 -23.16
C ARG C 122 6.67 13.98 -22.88
N LEU C 123 6.80 12.98 -22.02
CA LEU C 123 5.69 12.12 -21.66
C LEU C 123 4.56 12.97 -21.04
N VAL C 124 4.86 13.84 -20.07
CA VAL C 124 3.82 14.65 -19.48
C VAL C 124 3.15 15.49 -20.57
N HIS C 125 3.92 16.10 -21.44
CA HIS C 125 3.33 16.97 -22.45
C HIS C 125 2.39 16.17 -23.38
N ASP C 126 2.88 15.07 -23.91
CA ASP C 126 2.14 14.35 -24.94
C ASP C 126 0.94 13.63 -24.34
N LEU C 127 1.11 13.01 -23.17
CA LEU C 127 -0.01 12.27 -22.64
C LEU C 127 -1.07 13.23 -22.10
N SER C 128 -0.66 14.38 -21.54
CA SER C 128 -1.65 15.37 -21.12
C SER C 128 -2.45 15.91 -22.31
N ALA C 129 -1.78 16.18 -23.44
CA ALA C 129 -2.48 16.70 -24.60
C ALA C 129 -3.47 15.65 -25.10
N CYS C 130 -3.09 14.37 -25.13
CA CYS C 130 -3.97 13.34 -25.60
C CYS C 130 -5.20 13.14 -24.68
N ALA C 131 -4.96 13.06 -23.36
CA ALA C 131 -6.05 12.85 -22.43
C ALA C 131 -6.93 14.09 -22.31
N GLY C 132 -6.36 15.27 -22.51
CA GLY C 132 -7.09 16.50 -22.33
C GLY C 132 -7.00 17.14 -20.96
N GLU C 133 -6.19 16.60 -20.07
CA GLU C 133 -5.99 17.17 -18.74
C GLU C 133 -4.59 16.77 -18.32
N THR C 134 -4.00 17.49 -17.39
CA THR C 134 -2.65 17.17 -16.97
C THR C 134 -2.52 15.78 -16.37
N VAL C 135 -1.57 15.03 -16.90
CA VAL C 135 -1.26 13.67 -16.48
C VAL C 135 0.02 13.72 -15.66
N THR C 136 0.10 12.97 -14.56
N THR C 136 0.09 12.90 -14.63
CA THR C 136 1.36 12.89 -13.82
CA THR C 136 1.28 12.78 -13.79
C THR C 136 2.17 11.68 -14.25
C THR C 136 2.16 11.67 -14.32
N VAL C 137 3.48 11.90 -14.39
CA VAL C 137 4.39 10.87 -14.87
C VAL C 137 5.61 10.83 -13.99
N ASN C 138 5.95 9.63 -13.51
N ASN C 138 5.94 9.63 -13.54
CA ASN C 138 7.22 9.39 -12.81
CA ASN C 138 7.22 9.40 -12.89
C ASN C 138 8.03 8.32 -13.55
C ASN C 138 7.98 8.38 -13.74
N VAL C 139 9.22 8.68 -14.04
CA VAL C 139 10.11 7.77 -14.78
C VAL C 139 11.13 7.24 -13.78
N LYS C 140 10.97 5.95 -13.44
CA LYS C 140 11.71 5.34 -12.32
C LYS C 140 12.77 4.35 -12.80
N SER C 141 13.99 4.47 -12.26
N SER C 141 13.95 4.47 -12.20
CA SER C 141 15.01 3.50 -12.64
CA SER C 141 15.01 3.53 -12.44
C SER C 141 14.62 2.12 -12.11
C SER C 141 14.59 2.08 -12.08
N LEU C 142 15.15 1.08 -12.78
CA LEU C 142 14.79 -0.28 -12.43
C LEU C 142 15.19 -0.62 -11.00
N ASN C 143 16.26 0.02 -10.49
CA ASN C 143 16.71 -0.31 -9.13
C ASN C 143 15.73 0.18 -8.07
N GLU C 144 14.77 1.03 -8.43
N GLU C 144 14.77 1.04 -8.44
CA GLU C 144 13.75 1.40 -7.45
CA GLU C 144 13.73 1.45 -7.49
C GLU C 144 12.91 0.22 -7.02
C GLU C 144 12.76 0.32 -7.15
N TYR C 145 12.86 -0.81 -7.85
CA TYR C 145 11.96 -1.96 -7.62
C TYR C 145 12.63 -3.14 -6.93
N THR C 146 13.96 -3.07 -6.74
CA THR C 146 14.67 -4.23 -6.17
C THR C 146 14.15 -4.46 -4.75
N ALA C 147 13.79 -5.72 -4.50
CA ALA C 147 13.28 -6.20 -3.20
C ALA C 147 11.90 -5.70 -2.83
N GLU C 148 11.26 -5.00 -3.77
N GLU C 148 11.18 -5.21 -3.83
CA GLU C 148 9.84 -4.66 -3.52
CA GLU C 148 9.81 -4.71 -3.63
C GLU C 148 8.95 -5.91 -3.54
C GLU C 148 8.83 -5.87 -3.64
N PRO C 149 8.06 -6.04 -2.56
CA PRO C 149 7.21 -7.25 -2.52
C PRO C 149 5.95 -7.15 -3.35
N ILE C 150 5.57 -8.27 -3.92
CA ILE C 150 4.23 -8.43 -4.52
C ILE C 150 3.19 -8.33 -3.39
N VAL C 151 2.10 -7.64 -3.69
CA VAL C 151 1.01 -7.50 -2.74
C VAL C 151 -0.25 -8.22 -3.24
N THR C 152 -1.11 -8.56 -2.29
CA THR C 152 -2.48 -8.91 -2.59
C THR C 152 -3.45 -7.80 -2.20
N GLN C 154 -6.93 -6.13 -0.19
CA GLN C 154 -7.25 -5.96 1.22
C GLN C 154 -8.59 -6.54 1.53
N GLY C 155 -8.77 -6.91 2.79
CA GLY C 155 -10.06 -7.40 3.22
C GLY C 155 -10.28 -8.83 2.77
N GLU C 156 -11.53 -9.14 2.66
CA GLU C 156 -11.98 -10.49 2.46
C GLU C 156 -12.06 -10.87 0.96
N CYS C 157 -11.41 -11.94 0.57
CA CYS C 157 -11.52 -12.46 -0.79
C CYS C 157 -12.85 -13.22 -0.87
N ILE C 158 -13.66 -12.90 -1.89
CA ILE C 158 -14.97 -13.49 -2.07
C ILE C 158 -15.00 -14.72 -2.99
N ASP C 159 -13.83 -15.18 -3.41
CA ASP C 159 -13.78 -16.15 -4.49
C ASP C 159 -14.03 -17.59 -4.07
N ASP C 160 -13.79 -17.95 -2.82
CA ASP C 160 -13.90 -19.36 -2.44
C ASP C 160 -15.32 -19.70 -2.03
N GLN C 161 -16.15 -19.84 -3.04
CA GLN C 161 -17.56 -20.17 -2.87
C GLN C 161 -17.90 -21.41 -3.67
N ASP C 162 -18.67 -22.29 -3.06
CA ASP C 162 -19.06 -23.53 -3.67
C ASP C 162 -20.35 -23.30 -4.42
N ILE C 163 -20.27 -22.59 -5.52
CA ILE C 163 -21.43 -22.22 -6.30
C ILE C 163 -21.27 -22.70 -7.75
N GLU C 164 -22.42 -22.89 -8.39
CA GLU C 164 -22.48 -23.28 -9.78
C GLU C 164 -22.84 -22.11 -10.68
N ILE C 165 -22.06 -21.93 -11.75
CA ILE C 165 -22.32 -20.86 -12.72
C ILE C 165 -22.96 -21.53 -13.94
N ALA C 166 -24.18 -21.10 -14.27
CA ALA C 166 -24.91 -21.76 -15.36
C ALA C 166 -24.78 -21.18 -16.75
N ASN C 167 -24.29 -19.96 -16.83
CA ASN C 167 -24.09 -19.29 -18.10
C ASN C 167 -23.10 -18.15 -17.88
N TYR C 168 -22.58 -17.60 -18.97
CA TYR C 168 -21.61 -16.52 -18.93
C TYR C 168 -22.07 -15.18 -19.56
N GLU C 169 -23.38 -14.98 -19.53
N GLU C 169 -23.40 -14.97 -19.53
CA GLU C 169 -23.93 -13.72 -20.01
CA GLU C 169 -23.94 -13.71 -20.01
C GLU C 169 -23.84 -12.58 -18.99
C GLU C 169 -23.85 -12.58 -18.98
N PHE C 170 -23.43 -11.41 -19.44
CA PHE C 170 -23.39 -10.28 -18.53
C PHE C 170 -24.77 -10.00 -17.98
N ASP C 171 -24.91 -9.86 -16.65
CA ASP C 171 -26.24 -9.59 -16.09
C ASP C 171 -26.09 -8.68 -14.87
N ASP C 172 -26.37 -7.41 -15.03
CA ASP C 172 -26.25 -6.49 -13.91
C ASP C 172 -27.34 -6.77 -12.86
N ALA C 173 -28.44 -7.40 -13.25
CA ALA C 173 -29.51 -7.68 -12.30
C ALA C 173 -29.13 -8.78 -11.31
N LEU C 174 -27.96 -9.39 -11.48
CA LEU C 174 -27.45 -10.28 -10.43
C LEU C 174 -27.26 -9.51 -9.12
N LEU C 175 -27.12 -8.18 -9.20
CA LEU C 175 -27.01 -7.34 -7.97
C LEU C 175 -28.38 -6.97 -7.38
N GLN C 176 -29.50 -7.31 -8.02
CA GLN C 176 -30.78 -6.86 -7.48
C GLN C 176 -31.02 -7.44 -6.07
N GLY C 177 -31.26 -6.58 -5.08
CA GLY C 177 -31.48 -7.08 -3.75
C GLY C 177 -30.19 -7.58 -3.08
N ALA C 178 -29.02 -7.28 -3.64
CA ALA C 178 -27.78 -7.77 -3.07
C ALA C 178 -27.39 -7.09 -1.78
N ALA C 179 -27.93 -5.93 -1.46
CA ALA C 179 -27.44 -5.30 -0.24
C ALA C 179 -28.58 -5.20 0.71
N GLN C 180 -28.73 -6.29 1.45
CA GLN C 180 -29.84 -6.38 2.38
C GLN C 180 -29.41 -6.45 3.79
N GLY C 181 -28.12 -6.45 4.04
CA GLY C 181 -27.67 -6.60 5.42
C GLY C 181 -27.65 -5.35 6.25
N GLU C 182 -27.16 -5.52 7.46
CA GLU C 182 -26.95 -4.41 8.39
C GLU C 182 -25.90 -3.43 7.86
N GLU C 183 -25.91 -2.23 8.41
CA GLU C 183 -24.94 -1.22 8.03
C GLU C 183 -23.52 -1.68 8.38
N VAL C 184 -22.64 -1.68 7.39
CA VAL C 184 -21.26 -2.07 7.60
C VAL C 184 -20.34 -1.14 6.84
N SER C 185 -19.06 -1.14 7.22
CA SER C 185 -17.99 -0.61 6.41
C SER C 185 -17.02 -1.76 6.25
N GLU C 186 -16.72 -2.14 5.01
CA GLU C 186 -15.84 -3.30 4.82
C GLU C 186 -15.19 -3.26 3.44
N VAL C 187 -14.15 -4.05 3.27
CA VAL C 187 -13.45 -4.16 2.02
C VAL C 187 -13.49 -5.63 1.58
N LEU C 188 -13.87 -5.82 0.33
CA LEU C 188 -14.00 -7.12 -0.34
C LEU C 188 -13.09 -7.12 -1.57
N HIS C 189 -12.67 -8.28 -2.04
CA HIS C 189 -12.00 -8.33 -3.34
C HIS C 189 -12.19 -9.64 -4.01
N SER C 190 -11.89 -9.64 -5.33
CA SER C 190 -11.95 -10.88 -6.12
C SER C 190 -10.80 -10.87 -7.11
N HIS C 191 -10.23 -12.04 -7.38
CA HIS C 191 -9.22 -12.17 -8.44
C HIS C 191 -9.86 -12.70 -9.73
N LEU C 192 -11.19 -12.85 -9.76
CA LEU C 192 -11.83 -13.59 -10.85
C LEU C 192 -12.38 -12.71 -11.94
N LEU C 193 -12.07 -11.43 -11.94
CA LEU C 193 -12.56 -10.54 -12.96
C LEU C 193 -11.88 -10.82 -14.31
N LYS C 194 -12.69 -11.06 -15.32
CA LYS C 194 -12.19 -11.28 -16.66
C LYS C 194 -13.19 -10.64 -17.59
N SER C 195 -12.73 -10.10 -18.70
CA SER C 195 -13.64 -9.69 -19.74
C SER C 195 -12.93 -9.86 -21.07
N ASN C 196 -13.57 -9.54 -22.20
N ASN C 196 -13.59 -9.40 -22.13
CA ASN C 196 -12.80 -9.62 -23.46
CA ASN C 196 -13.06 -9.44 -23.49
C ASN C 196 -12.58 -8.20 -23.97
C ASN C 196 -12.59 -8.05 -23.90
N CYS C 197 -11.35 -7.91 -24.35
CA CYS C 197 -10.96 -6.57 -24.76
C CYS C 197 -11.74 -6.19 -26.00
N LEU C 198 -12.33 -5.02 -25.97
CA LEU C 198 -13.27 -4.65 -27.01
C LEU C 198 -12.65 -4.72 -28.40
N ILE C 199 -11.45 -4.22 -28.55
CA ILE C 199 -10.97 -4.09 -29.93
C ILE C 199 -10.10 -5.23 -30.46
N THR C 200 -9.78 -6.18 -29.60
CA THR C 200 -8.93 -7.28 -30.00
C THR C 200 -9.54 -8.63 -29.73
N ASN C 201 -10.59 -8.66 -28.95
CA ASN C 201 -11.10 -9.95 -28.52
C ASN C 201 -10.05 -10.82 -27.79
N GLN C 202 -9.12 -10.19 -27.08
CA GLN C 202 -8.24 -10.96 -26.20
C GLN C 202 -8.68 -10.76 -24.77
N PRO C 203 -8.48 -11.75 -23.93
CA PRO C 203 -8.91 -11.65 -22.53
C PRO C 203 -8.26 -10.52 -21.72
N ASP C 204 -9.07 -9.95 -20.86
CA ASP C 204 -8.66 -8.96 -19.88
C ASP C 204 -8.65 -9.73 -18.56
N TRP C 205 -7.58 -9.64 -17.79
CA TRP C 205 -7.51 -10.29 -16.48
C TRP C 205 -7.32 -9.28 -15.38
N GLY C 206 -8.16 -9.31 -14.36
CA GLY C 206 -8.03 -8.34 -13.29
C GLY C 206 -8.39 -8.85 -11.92
N SER C 207 -7.88 -8.19 -10.90
CA SER C 207 -8.39 -8.33 -9.55
C SER C 207 -9.06 -7.01 -9.21
N VAL C 208 -10.09 -7.04 -8.36
CA VAL C 208 -10.84 -5.84 -8.02
C VAL C 208 -11.12 -5.81 -6.54
N GLU C 209 -10.90 -4.63 -5.97
CA GLU C 209 -11.13 -4.36 -4.54
C GLU C 209 -12.28 -3.36 -4.43
N ILE C 210 -13.23 -3.64 -3.54
CA ILE C 210 -14.46 -2.85 -3.34
C ILE C 210 -14.53 -2.52 -1.87
N ALA C 211 -14.39 -1.24 -1.56
CA ALA C 211 -14.50 -0.76 -0.15
C ALA C 211 -15.78 0.08 -0.07
N TYR C 212 -16.63 -0.18 0.92
CA TYR C 212 -17.86 0.59 0.97
C TYR C 212 -18.38 0.71 2.37
N HIS C 213 -19.26 1.70 2.55
CA HIS C 213 -20.03 1.84 3.76
C HIS C 213 -21.49 1.81 3.29
N GLY C 214 -22.24 0.84 3.78
CA GLY C 214 -23.63 0.72 3.37
C GLY C 214 -24.22 -0.59 3.87
N ALA C 215 -25.42 -0.92 3.40
CA ALA C 215 -26.01 -2.21 3.77
C ALA C 215 -25.10 -3.33 3.31
N LYS C 216 -24.87 -4.34 4.16
CA LYS C 216 -23.92 -5.41 3.83
C LYS C 216 -24.32 -6.20 2.59
N ASN C 218 -24.43 -9.16 -0.26
CA ASN C 218 -24.42 -10.61 -0.40
C ASN C 218 -23.19 -10.98 -1.25
N ARG C 219 -22.36 -11.88 -0.74
N ARG C 219 -22.38 -11.86 -0.67
CA ARG C 219 -21.09 -12.16 -1.44
CA ARG C 219 -21.13 -12.36 -1.25
C ARG C 219 -21.31 -13.07 -2.65
C ARG C 219 -21.35 -13.05 -2.59
N GLU C 220 -22.33 -13.95 -2.62
CA GLU C 220 -22.62 -14.77 -3.76
C GLU C 220 -23.09 -13.89 -4.92
N ALA C 221 -23.98 -12.92 -4.63
CA ALA C 221 -24.50 -12.05 -5.70
C ALA C 221 -23.33 -11.23 -6.31
N LEU C 222 -22.47 -10.71 -5.46
CA LEU C 222 -21.40 -9.87 -5.95
C LEU C 222 -20.44 -10.73 -6.84
N LEU C 223 -20.08 -11.94 -6.36
CA LEU C 223 -19.22 -12.81 -7.16
C LEU C 223 -19.85 -13.19 -8.50
N ARG C 224 -21.13 -13.57 -8.47
CA ARG C 224 -21.81 -13.89 -9.75
C ARG C 224 -21.83 -12.71 -10.71
N TYR C 225 -22.09 -11.50 -10.19
CA TYR C 225 -22.09 -10.31 -11.01
C TYR C 225 -20.73 -10.14 -11.69
N LEU C 226 -19.64 -10.23 -10.90
CA LEU C 226 -18.30 -10.04 -11.47
C LEU C 226 -17.98 -11.11 -12.49
N VAL C 227 -18.30 -12.36 -12.19
CA VAL C 227 -18.05 -13.48 -13.14
C VAL C 227 -18.81 -13.28 -14.43
N SER C 228 -19.94 -12.60 -14.37
CA SER C 228 -20.77 -12.38 -15.56
C SER C 228 -20.15 -11.48 -16.59
N PHE C 229 -19.05 -10.81 -16.25
CA PHE C 229 -18.29 -10.02 -17.21
C PHE C 229 -17.48 -10.88 -18.19
N ARG C 230 -17.39 -12.16 -17.93
CA ARG C 230 -16.32 -13.00 -18.48
C ARG C 230 -16.22 -12.98 -20.00
N GLU C 231 -17.36 -12.91 -20.67
CA GLU C 231 -17.40 -12.89 -22.12
C GLU C 231 -17.94 -11.56 -22.66
N HIS C 232 -17.90 -10.51 -21.85
CA HIS C 232 -18.38 -9.17 -22.18
C HIS C 232 -17.27 -8.28 -22.71
N ASN C 233 -17.53 -7.56 -23.79
CA ASN C 233 -16.53 -6.65 -24.33
C ASN C 233 -16.42 -5.40 -23.47
N GLU C 234 -15.20 -5.07 -23.08
CA GLU C 234 -14.92 -4.00 -22.16
C GLU C 234 -13.59 -3.34 -22.46
N PHE C 235 -13.44 -2.11 -22.00
CA PHE C 235 -12.14 -1.51 -21.68
C PHE C 235 -12.08 -1.52 -20.14
N HIS C 236 -10.86 -1.50 -19.61
CA HIS C 236 -10.66 -1.66 -18.17
C HIS C 236 -11.29 -0.55 -17.41
N GLU C 237 -11.11 0.66 -17.93
CA GLU C 237 -11.63 1.89 -17.35
C GLU C 237 -13.15 1.90 -17.32
N GLN C 238 -13.78 1.49 -18.43
N GLN C 238 -13.71 1.45 -18.41
CA GLN C 238 -15.24 1.41 -18.42
CA GLN C 238 -15.14 1.38 -18.59
C GLN C 238 -15.79 0.24 -17.62
C GLN C 238 -15.77 0.33 -17.69
N CYS C 239 -15.06 -0.88 -17.50
N CYS C 239 -15.09 -0.80 -17.56
CA CYS C 239 -15.55 -1.94 -16.70
CA CYS C 239 -15.48 -1.85 -16.65
C CYS C 239 -15.62 -1.46 -15.23
C CYS C 239 -15.64 -1.36 -15.25
N VAL C 240 -14.57 -0.78 -14.74
CA VAL C 240 -14.56 -0.29 -13.37
C VAL C 240 -15.69 0.73 -13.16
N GLU C 241 -15.94 1.62 -14.14
CA GLU C 241 -17.07 2.54 -14.04
C GLU C 241 -18.42 1.85 -14.04
N ARG C 242 -18.55 0.75 -14.79
CA ARG C 242 -19.78 -0.01 -14.79
C ARG C 242 -19.97 -0.71 -13.43
N ILE C 243 -18.93 -1.33 -12.90
CA ILE C 243 -19.03 -1.94 -11.58
C ILE C 243 -19.43 -0.89 -10.53
N PHE C 244 -18.76 0.26 -10.56
CA PHE C 244 -19.11 1.30 -9.61
C PHE C 244 -20.58 1.71 -9.73
N THR C 245 -21.04 1.99 -10.95
CA THR C 245 -22.38 2.53 -11.11
C THR C 245 -23.45 1.47 -10.87
N ASP C 246 -23.16 0.21 -11.21
CA ASP C 246 -24.09 -0.88 -10.90
C ASP C 246 -24.20 -1.08 -9.40
N ILE C 247 -23.07 -1.12 -8.69
CA ILE C 247 -23.16 -1.23 -7.24
C ILE C 247 -23.94 -0.03 -6.65
N ARG C 249 -26.35 1.90 -8.01
CA ARG C 249 -27.77 1.81 -8.24
C ARG C 249 -28.49 0.64 -7.56
N TYR C 250 -27.87 -0.52 -7.57
CA TYR C 250 -28.49 -1.72 -6.97
C TYR C 250 -28.33 -1.81 -5.47
N CYS C 251 -27.15 -1.42 -4.97
CA CYS C 251 -26.83 -1.59 -3.58
C CYS C 251 -26.83 -0.33 -2.73
N GLN C 252 -26.86 0.82 -3.39
CA GLN C 252 -26.95 2.15 -2.74
C GLN C 252 -26.08 2.28 -1.46
N PRO C 253 -24.79 1.97 -1.54
CA PRO C 253 -23.93 2.30 -0.39
C PRO C 253 -23.87 3.80 -0.23
N GLN C 254 -23.59 4.25 1.01
CA GLN C 254 -23.34 5.65 1.25
C GLN C 254 -22.00 6.15 0.70
N SER C 255 -20.99 5.28 0.73
CA SER C 255 -19.62 5.57 0.21
C SER C 255 -19.18 4.31 -0.52
N LEU C 256 -18.45 4.50 -1.63
CA LEU C 256 -17.96 3.38 -2.42
C LEU C 256 -16.64 3.71 -3.08
N THR C 257 -15.74 2.75 -3.07
CA THR C 257 -14.49 2.84 -3.83
C THR C 257 -14.28 1.52 -4.55
N VAL C 258 -14.00 1.57 -5.84
CA VAL C 258 -13.69 0.39 -6.65
C VAL C 258 -12.32 0.61 -7.30
N TYR C 259 -11.41 -0.30 -7.04
CA TYR C 259 -10.06 -0.21 -7.58
C TYR C 259 -9.71 -1.55 -8.20
N ALA C 260 -9.41 -1.58 -9.49
CA ALA C 260 -9.05 -2.81 -10.18
C ALA C 260 -7.63 -2.70 -10.68
N ARG C 261 -6.95 -3.82 -10.63
CA ARG C 261 -5.60 -3.95 -11.11
C ARG C 261 -5.57 -5.04 -12.17
N TYR C 262 -5.34 -4.61 -13.39
CA TYR C 262 -5.35 -5.54 -14.53
C TYR C 262 -3.95 -5.97 -14.94
N THR C 263 -3.85 -7.18 -15.52
CA THR C 263 -2.60 -7.58 -16.08
C THR C 263 -2.30 -6.75 -17.34
N ARG C 264 -1.01 -6.62 -17.65
CA ARG C 264 -0.62 -5.81 -18.80
C ARG C 264 -1.07 -6.39 -20.15
N LEU C 265 -1.24 -5.46 -21.09
N LEU C 265 -1.24 -5.53 -21.13
CA LEU C 265 -1.35 -5.82 -22.49
CA LEU C 265 -1.28 -6.01 -22.48
C LEU C 265 -0.24 -5.08 -23.23
C LEU C 265 -0.16 -5.17 -23.08
N GLY C 266 0.60 -5.75 -23.99
CA GLY C 266 1.64 -5.05 -24.74
C GLY C 266 2.61 -4.23 -23.88
N GLY C 267 2.88 -4.70 -22.66
CA GLY C 267 3.87 -4.07 -21.81
C GLY C 267 3.33 -2.94 -20.95
N LEU C 268 2.01 -2.68 -20.98
N LEU C 268 2.02 -2.65 -21.01
CA LEU C 268 1.43 -1.58 -20.21
CA LEU C 268 1.43 -1.59 -20.19
C LEU C 268 0.25 -2.10 -19.44
C LEU C 268 0.27 -2.17 -19.42
N ASP C 269 0.14 -1.78 -18.16
CA ASP C 269 -1.10 -2.10 -17.43
C ASP C 269 -1.89 -0.88 -17.01
N ILE C 270 -3.17 -1.12 -16.73
CA ILE C 270 -4.12 -0.05 -16.36
C ILE C 270 -4.81 -0.47 -15.05
N ASN C 271 -4.93 0.46 -14.13
CA ASN C 271 -5.47 0.20 -12.79
C ASN C 271 -6.43 1.32 -12.49
N PRO C 272 -7.69 1.19 -12.92
CA PRO C 272 -8.64 2.30 -12.73
C PRO C 272 -9.13 2.33 -11.30
N PHE C 273 -9.21 3.53 -10.78
CA PHE C 273 -9.66 3.76 -9.41
C PHE C 273 -10.81 4.75 -9.48
N ARG C 274 -11.96 4.36 -8.95
CA ARG C 274 -13.14 5.22 -8.90
C ARG C 274 -13.71 5.19 -7.50
N SER C 275 -14.00 6.38 -6.98
CA SER C 275 -14.46 6.52 -5.60
C SER C 275 -15.48 7.66 -5.44
N SER C 276 -16.35 7.52 -4.46
CA SER C 276 -17.24 8.61 -4.05
C SER C 276 -16.43 9.81 -3.58
N HIS C 277 -15.40 9.53 -2.73
N HIS C 277 -15.43 9.47 -2.80
CA HIS C 277 -14.75 10.56 -1.92
CA HIS C 277 -14.86 10.40 -1.86
C HIS C 277 -13.29 10.73 -2.11
C HIS C 277 -13.35 10.65 -2.03
N GLN C 278 -12.72 9.79 -2.79
CA GLN C 278 -11.25 9.78 -2.85
C GLN C 278 -10.79 10.06 -4.26
N SER C 279 -9.79 10.88 -4.39
CA SER C 279 -9.22 11.27 -5.68
C SER C 279 -8.20 10.28 -6.27
N ALA C 280 -7.52 9.54 -5.39
CA ALA C 280 -6.45 8.63 -5.80
C ALA C 280 -6.31 7.57 -4.75
N PRO C 281 -5.80 6.41 -5.15
CA PRO C 281 -5.52 5.40 -4.12
C PRO C 281 -4.33 5.79 -3.24
N ASN C 282 -4.26 5.21 -2.04
CA ASN C 282 -3.17 5.43 -1.09
C ASN C 282 -2.08 4.39 -1.23
N HIS C 283 -2.17 3.56 -2.26
CA HIS C 283 -1.12 2.57 -2.53
C HIS C 283 -1.12 2.24 -4.04
N ASN C 284 0.06 2.02 -4.59
CA ASN C 284 0.14 1.55 -5.96
C ASN C 284 1.24 0.53 -5.93
N GLN C 285 0.85 -0.72 -5.89
CA GLN C 285 1.82 -1.82 -5.75
C GLN C 285 1.36 -2.94 -6.64
N ARG C 286 2.29 -3.68 -7.18
CA ARG C 286 1.93 -4.71 -8.14
C ARG C 286 1.44 -6.01 -7.51
N ALA C 288 0.19 -10.26 -8.11
CA ALA C 288 0.95 -11.43 -8.53
C ALA C 288 0.92 -11.62 -10.04
N ARG C 289 -0.23 -11.41 -10.70
CA ARG C 289 -0.29 -11.64 -12.13
C ARG C 289 0.15 -10.45 -12.92
N GLN C 290 0.32 -9.30 -12.29
CA GLN C 290 0.74 -8.11 -12.99
C GLN C 290 2.24 -8.15 -13.29
N TYR D 30 -18.90 -18.56 -29.19
CA TYR D 30 -18.23 -19.57 -28.38
C TYR D 30 -16.72 -19.50 -28.48
N ALA D 31 -16.09 -19.32 -27.32
CA ALA D 31 -14.65 -19.41 -27.22
C ALA D 31 -14.20 -20.82 -27.56
N ASN D 32 -12.97 -20.94 -28.08
N ASN D 32 -13.03 -20.96 -28.17
CA ASN D 32 -12.37 -22.23 -28.28
CA ASN D 32 -12.52 -22.30 -28.36
C ASN D 32 -11.96 -22.82 -26.95
C ASN D 32 -12.15 -22.83 -26.97
N GLN D 33 -12.39 -24.05 -26.71
N GLN D 33 -12.43 -24.10 -26.73
CA GLN D 33 -12.06 -24.78 -25.49
CA GLN D 33 -11.99 -24.75 -25.50
C GLN D 33 -10.83 -25.62 -25.71
C GLN D 33 -10.75 -25.58 -25.70
N TYR D 34 -10.44 -26.42 -24.72
CA TYR D 34 -9.13 -27.02 -24.68
C TYR D 34 -8.70 -27.61 -26.01
N ASP D 35 -7.51 -27.19 -26.46
CA ASP D 35 -7.03 -27.55 -27.78
C ASP D 35 -5.50 -27.74 -27.84
N PRO D 36 -5.02 -28.94 -27.53
CA PRO D 36 -3.57 -29.14 -27.55
C PRO D 36 -2.97 -29.02 -28.94
N SER D 37 -3.79 -29.10 -29.98
CA SER D 37 -3.26 -28.94 -31.33
C SER D 37 -2.81 -27.51 -31.61
N LEU D 38 -3.18 -26.55 -30.74
CA LEU D 38 -2.69 -25.20 -30.94
C LEU D 38 -1.16 -25.11 -30.73
N LEU D 39 -0.58 -25.97 -29.87
CA LEU D 39 0.87 -25.88 -29.59
C LEU D 39 1.68 -26.09 -30.83
N GLN D 40 2.69 -25.24 -31.01
CA GLN D 40 3.57 -25.30 -32.17
C GLN D 40 5.01 -25.58 -31.75
N PRO D 41 5.53 -26.76 -32.02
CA PRO D 41 6.95 -27.02 -31.77
C PRO D 41 7.82 -26.35 -32.82
N VAL D 42 9.01 -25.93 -32.43
CA VAL D 42 10.08 -25.49 -33.34
C VAL D 42 11.35 -26.29 -33.02
N PRO D 43 11.91 -27.03 -33.95
CA PRO D 43 13.12 -27.83 -33.66
C PRO D 43 14.24 -26.86 -33.26
N ARG D 44 14.91 -27.15 -32.15
CA ARG D 44 16.03 -26.32 -31.68
C ARG D 44 17.18 -26.38 -32.67
N SER D 45 17.28 -27.49 -33.41
CA SER D 45 18.41 -27.68 -34.34
C SER D 45 18.43 -26.68 -35.52
N LEU D 46 17.26 -26.10 -35.82
N LEU D 46 17.30 -26.09 -35.90
CA LEU D 46 17.10 -25.20 -36.95
CA LEU D 46 17.31 -25.19 -37.07
C LEU D 46 18.02 -23.99 -36.85
C LEU D 46 18.29 -24.07 -36.77
N ASN D 47 18.04 -23.38 -35.67
CA ASN D 47 18.94 -22.26 -35.40
C ASN D 47 20.30 -22.73 -34.94
N ARG D 48 20.34 -23.83 -34.19
CA ARG D 48 21.64 -24.28 -33.77
C ARG D 48 22.57 -24.58 -34.96
N ASN D 49 22.02 -25.04 -36.08
CA ASN D 49 22.82 -25.26 -37.26
C ASN D 49 23.50 -23.97 -37.71
N ASP D 50 22.76 -22.88 -37.64
CA ASP D 50 23.33 -21.61 -38.01
C ASP D 50 24.49 -21.20 -37.09
N LEU D 51 24.51 -21.67 -35.84
CA LEU D 51 25.59 -21.41 -34.90
C LEU D 51 26.78 -22.33 -35.12
N HIS D 52 26.65 -23.24 -36.10
CA HIS D 52 27.69 -24.26 -36.38
C HIS D 52 27.96 -25.16 -35.19
N LEU D 53 26.87 -25.59 -34.56
CA LEU D 53 26.88 -26.61 -33.50
C LEU D 53 26.49 -27.98 -34.06
N SER D 54 27.07 -29.00 -33.44
CA SER D 54 26.75 -30.40 -33.70
C SER D 54 25.61 -30.88 -32.79
N ALA D 55 25.33 -32.18 -32.91
CA ALA D 55 24.36 -32.80 -32.04
C ALA D 55 24.89 -32.85 -30.61
N THR D 56 26.23 -32.79 -30.44
CA THR D 56 26.78 -32.77 -29.06
C THR D 56 26.97 -31.31 -28.57
N LEU D 57 26.10 -30.91 -27.66
CA LEU D 57 25.99 -29.50 -27.31
C LEU D 57 27.09 -29.03 -26.37
N PRO D 58 27.59 -27.81 -26.61
CA PRO D 58 28.61 -27.18 -25.77
C PRO D 58 28.03 -26.65 -24.44
N PHE D 59 26.72 -26.71 -24.27
CA PHE D 59 26.10 -26.20 -23.05
C PHE D 59 25.01 -27.17 -22.60
N GLN D 60 24.60 -26.96 -21.37
CA GLN D 60 23.44 -27.60 -20.75
C GLN D 60 22.56 -26.50 -20.19
N GLY D 61 21.32 -26.81 -19.83
CA GLY D 61 20.49 -25.80 -19.18
C GLY D 61 19.03 -26.06 -19.51
N CYS D 62 18.26 -24.99 -19.49
CA CYS D 62 16.78 -25.09 -19.54
C CYS D 62 16.19 -23.77 -19.92
N ASP D 63 14.93 -23.81 -20.33
CA ASP D 63 14.19 -22.57 -20.57
C ASP D 63 13.10 -22.54 -19.52
N ILE D 64 13.13 -21.51 -18.66
CA ILE D 64 12.13 -21.39 -17.61
C ILE D 64 11.08 -20.43 -18.13
N TRP D 65 9.82 -20.83 -18.07
CA TRP D 65 8.70 -19.99 -18.52
C TRP D 65 7.81 -19.62 -17.35
N THR D 66 7.32 -18.38 -17.31
CA THR D 66 6.30 -18.03 -16.29
C THR D 66 5.01 -17.76 -17.04
N LEU D 67 3.92 -18.36 -16.55
CA LEU D 67 2.61 -18.25 -17.23
C LEU D 67 1.76 -17.45 -16.25
N TYR D 68 1.72 -16.15 -16.48
CA TYR D 68 1.00 -15.24 -15.61
C TYR D 68 -0.51 -15.24 -15.70
N GLU D 69 -1.04 -15.78 -16.79
CA GLU D 69 -2.49 -15.68 -17.06
C GLU D 69 -3.30 -16.99 -17.01
N LEU D 70 -2.77 -18.00 -16.37
CA LEU D 70 -3.43 -19.28 -16.40
C LEU D 70 -4.78 -19.24 -15.68
N SER D 71 -5.86 -19.65 -16.36
CA SER D 71 -7.19 -19.62 -15.81
C SER D 71 -8.05 -20.63 -16.50
N TRP D 72 -8.96 -21.23 -15.74
CA TRP D 72 -9.85 -22.24 -16.26
C TRP D 72 -11.12 -22.22 -15.41
N LEU D 73 -12.03 -23.15 -15.65
CA LEU D 73 -13.26 -23.25 -14.84
C LEU D 73 -13.22 -24.52 -14.04
N ASN D 74 -13.71 -24.48 -12.80
CA ASN D 74 -13.87 -25.74 -12.06
C ASN D 74 -15.10 -26.52 -12.59
N GLN D 75 -15.37 -27.68 -12.01
N GLN D 75 -15.37 -27.68 -11.98
CA GLN D 75 -16.42 -28.52 -12.60
CA GLN D 75 -16.44 -28.56 -12.48
C GLN D 75 -17.80 -27.83 -12.49
C GLN D 75 -17.84 -27.95 -12.35
N LYS D 76 -17.95 -26.93 -11.51
CA LYS D 76 -19.19 -26.17 -11.36
C LYS D 76 -19.24 -24.88 -12.16
N GLY D 77 -18.20 -24.64 -12.96
CA GLY D 77 -18.22 -23.48 -13.82
C GLY D 77 -17.61 -22.22 -13.23
N LEU D 78 -17.10 -22.29 -12.00
CA LEU D 78 -16.55 -21.11 -11.36
C LEU D 78 -15.08 -20.94 -11.81
N PRO D 79 -14.70 -19.71 -12.27
CA PRO D 79 -13.30 -19.53 -12.70
C PRO D 79 -12.31 -19.79 -11.59
N GLN D 80 -11.13 -20.25 -12.01
CA GLN D 80 -9.94 -20.50 -11.18
C GLN D 80 -8.81 -19.67 -11.80
N VAL D 81 -7.89 -19.14 -11.00
CA VAL D 81 -6.73 -18.41 -11.54
C VAL D 81 -5.48 -18.91 -10.85
N ALA D 82 -4.38 -18.91 -11.58
CA ALA D 82 -3.12 -19.42 -11.04
C ALA D 82 -1.98 -18.83 -11.80
N ILE D 83 -0.77 -19.03 -11.29
CA ILE D 83 0.42 -18.73 -12.11
C ILE D 83 1.16 -20.02 -12.32
N GLY D 84 1.52 -20.28 -13.58
CA GLY D 84 2.29 -21.46 -13.87
C GLY D 84 3.77 -21.20 -14.00
N GLU D 85 4.58 -22.21 -13.68
N GLU D 85 4.59 -22.20 -13.71
CA GLU D 85 6.02 -22.15 -13.95
CA GLU D 85 6.04 -22.08 -13.95
C GLU D 85 6.40 -23.41 -14.68
C GLU D 85 6.53 -23.38 -14.57
N VAL D 86 7.20 -23.27 -15.72
CA VAL D 86 7.55 -24.42 -16.55
C VAL D 86 9.06 -24.44 -16.76
N SER D 87 9.65 -25.63 -16.68
CA SER D 87 11.06 -25.76 -17.06
C SER D 87 11.16 -26.74 -18.21
N ILE D 88 11.70 -26.26 -19.34
CA ILE D 88 11.88 -27.12 -20.56
C ILE D 88 13.38 -27.38 -20.70
N PRO D 89 13.80 -28.65 -20.71
CA PRO D 89 15.24 -28.95 -20.83
C PRO D 89 15.79 -28.40 -22.16
N ALA D 90 17.01 -27.84 -22.11
CA ALA D 90 17.63 -27.34 -23.34
C ALA D 90 17.99 -28.46 -24.29
N THR D 91 17.97 -29.71 -23.81
CA THR D 91 18.14 -30.86 -24.69
C THR D 91 16.89 -31.31 -25.40
N SER D 92 15.74 -30.69 -25.08
CA SER D 92 14.51 -31.16 -25.77
C SER D 92 14.66 -30.94 -27.28
N ALA D 93 14.08 -31.84 -28.09
CA ALA D 93 14.19 -31.66 -29.56
C ALA D 93 13.63 -30.32 -30.01
N ASN D 94 12.55 -29.88 -29.35
CA ASN D 94 11.85 -28.68 -29.76
C ASN D 94 11.71 -27.67 -28.63
N LEU D 95 11.72 -26.41 -29.02
CA LEU D 95 11.15 -25.43 -28.13
C LEU D 95 9.68 -25.24 -28.52
N ILE D 96 8.96 -24.49 -27.72
CA ILE D 96 7.55 -24.24 -27.99
C ILE D 96 7.35 -22.80 -28.40
N GLU D 97 6.74 -22.59 -29.56
CA GLU D 97 6.54 -21.19 -30.02
C GLU D 97 5.56 -20.44 -29.07
N SER D 98 5.96 -19.23 -28.68
N SER D 98 5.94 -19.25 -28.67
CA SER D 98 5.30 -18.49 -27.59
CA SER D 98 5.25 -18.60 -27.54
C SER D 98 3.85 -18.12 -27.88
C SER D 98 3.82 -18.14 -27.88
N LYS D 99 3.56 -17.67 -29.10
CA LYS D 99 2.18 -17.31 -29.40
C LYS D 99 1.25 -18.51 -29.34
N SER D 100 1.73 -19.63 -29.85
CA SER D 100 0.99 -20.88 -29.81
C SER D 100 0.74 -21.35 -28.37
N PHE D 101 1.72 -21.12 -27.52
CA PHE D 101 1.61 -21.46 -26.10
C PHE D 101 0.54 -20.58 -25.44
N LYS D 102 0.51 -19.29 -25.77
CA LYS D 102 -0.51 -18.40 -25.26
C LYS D 102 -1.90 -18.85 -25.71
N LEU D 103 -2.04 -19.21 -26.97
CA LEU D 103 -3.36 -19.60 -27.49
C LEU D 103 -3.78 -20.90 -26.89
N TYR D 104 -2.83 -21.84 -26.73
CA TYR D 104 -3.12 -23.08 -26.01
C TYR D 104 -3.61 -22.80 -24.57
N LEU D 105 -2.96 -21.90 -23.84
CA LEU D 105 -3.40 -21.60 -22.47
C LEU D 105 -4.78 -20.92 -22.48
N ASN D 106 -5.04 -20.06 -23.46
CA ASN D 106 -6.35 -19.41 -23.55
C ASN D 106 -7.44 -20.46 -23.77
N SER D 107 -7.10 -21.59 -24.41
CA SER D 107 -8.13 -22.64 -24.62
C SER D 107 -8.60 -23.25 -23.30
N TYR D 108 -7.82 -23.08 -22.22
CA TYR D 108 -8.31 -23.54 -20.90
C TYR D 108 -9.38 -22.62 -20.31
N ASN D 109 -9.46 -21.37 -20.74
CA ASN D 109 -10.19 -20.34 -19.99
C ASN D 109 -11.67 -20.66 -19.83
N GLN D 110 -12.28 -21.24 -20.84
CA GLN D 110 -13.68 -21.64 -20.76
C GLN D 110 -13.90 -23.13 -20.61
N THR D 111 -12.85 -23.88 -20.27
CA THR D 111 -12.94 -25.31 -20.12
C THR D 111 -13.04 -25.70 -18.65
N ARG D 112 -13.96 -26.62 -18.35
CA ARG D 112 -14.17 -27.10 -17.01
C ARG D 112 -13.25 -28.29 -16.70
N PHE D 113 -12.56 -28.19 -15.58
CA PHE D 113 -11.66 -29.25 -15.08
C PHE D 113 -12.04 -29.59 -13.67
N ALA D 114 -11.99 -30.88 -13.34
CA ALA D 114 -12.36 -31.38 -12.03
C ALA D 114 -11.46 -30.93 -10.87
N SER D 115 -10.20 -30.67 -11.17
CA SER D 115 -9.27 -30.33 -10.14
C SER D 115 -8.08 -29.58 -10.72
N TRP D 116 -7.39 -28.88 -9.83
CA TRP D 116 -6.11 -28.28 -10.12
C TRP D 116 -5.06 -29.31 -10.49
N ASP D 117 -5.10 -30.49 -9.87
N ASP D 117 -5.10 -30.49 -9.87
CA ASP D 117 -4.18 -31.55 -10.23
CA ASP D 117 -4.18 -31.55 -10.23
C ASP D 117 -4.34 -31.97 -11.71
C ASP D 117 -4.34 -31.95 -11.71
N GLU D 118 -5.57 -32.04 -12.18
CA GLU D 118 -5.79 -32.35 -13.59
C GLU D 118 -5.16 -31.32 -14.53
N VAL D 119 -5.33 -30.03 -14.21
CA VAL D 119 -4.75 -28.99 -15.00
C VAL D 119 -3.24 -29.16 -15.06
N GLN D 120 -2.62 -29.33 -13.91
N GLN D 120 -2.62 -29.35 -13.91
CA GLN D 120 -1.15 -29.50 -13.88
CA GLN D 120 -1.17 -29.48 -13.90
C GLN D 120 -0.70 -30.73 -14.71
C GLN D 120 -0.67 -30.73 -14.67
N THR D 121 -1.41 -31.83 -14.55
CA THR D 121 -1.10 -33.04 -15.27
C THR D 121 -1.21 -32.87 -16.78
N ARG D 122 -2.26 -32.25 -17.24
CA ARG D 122 -2.42 -31.98 -18.66
C ARG D 122 -1.35 -31.06 -19.20
N LEU D 123 -1.00 -30.02 -18.44
CA LEU D 123 0.10 -29.15 -18.87
C LEU D 123 1.39 -29.95 -19.03
N VAL D 124 1.75 -30.76 -18.02
CA VAL D 124 2.93 -31.59 -18.17
C VAL D 124 2.85 -32.47 -19.42
N HIS D 125 1.72 -33.14 -19.61
CA HIS D 125 1.61 -34.08 -20.71
C HIS D 125 1.76 -33.35 -22.03
N ASP D 126 1.00 -32.27 -22.20
CA ASP D 126 0.93 -31.60 -23.51
C ASP D 126 2.20 -30.87 -23.83
N LEU D 127 2.79 -30.20 -22.83
CA LEU D 127 4.00 -29.45 -23.14
C LEU D 127 5.19 -30.43 -23.33
N SER D 128 5.21 -31.53 -22.58
CA SER D 128 6.27 -32.53 -22.79
C SER D 128 6.14 -33.12 -24.19
N ALA D 129 4.90 -33.41 -24.64
CA ALA D 129 4.77 -34.01 -25.97
C ALA D 129 5.26 -33.01 -27.02
N CYS D 130 4.98 -31.72 -26.82
CA CYS D 130 5.40 -30.72 -27.80
C CYS D 130 6.93 -30.57 -27.84
N ALA D 131 7.53 -30.40 -26.67
CA ALA D 131 8.98 -30.21 -26.57
C ALA D 131 9.75 -31.46 -26.96
N GLY D 132 9.17 -32.64 -26.74
CA GLY D 132 9.88 -33.87 -27.04
C GLY D 132 10.64 -34.49 -25.88
N GLU D 133 10.52 -33.89 -24.71
CA GLU D 133 11.23 -34.37 -23.51
C GLU D 133 10.35 -33.92 -22.34
N THR D 134 10.36 -34.66 -21.24
CA THR D 134 9.59 -34.30 -20.06
C THR D 134 9.92 -32.88 -19.59
N VAL D 135 8.86 -32.10 -19.36
CA VAL D 135 9.01 -30.76 -18.85
C VAL D 135 8.43 -30.78 -17.44
N THR D 136 8.90 -29.86 -16.61
N THR D 136 8.92 -29.87 -16.60
CA THR D 136 8.31 -29.74 -15.28
CA THR D 136 8.35 -29.71 -15.25
C THR D 136 7.37 -28.53 -15.21
C THR D 136 7.35 -28.55 -15.25
N VAL D 137 6.25 -28.72 -14.51
CA VAL D 137 5.25 -27.67 -14.38
C VAL D 137 4.79 -27.55 -12.94
N ASN D 138 4.80 -26.31 -12.44
N ASN D 138 4.73 -26.32 -12.42
CA ASN D 138 4.17 -25.97 -11.19
CA ASN D 138 4.14 -26.08 -11.12
C ASN D 138 2.95 -25.12 -11.51
C ASN D 138 3.04 -25.04 -11.26
N VAL D 139 1.82 -25.43 -10.90
CA VAL D 139 0.64 -24.56 -10.97
C VAL D 139 0.38 -24.05 -9.55
N LYS D 140 0.58 -22.75 -9.36
CA LYS D 140 0.62 -22.17 -8.01
C LYS D 140 -0.55 -21.22 -7.79
N SER D 141 -1.19 -21.26 -6.60
CA SER D 141 -2.23 -20.29 -6.31
C SER D 141 -1.63 -18.89 -6.14
N LEU D 142 -2.43 -17.88 -6.41
CA LEU D 142 -1.90 -16.53 -6.34
C LEU D 142 -1.36 -16.18 -4.96
N ASN D 143 -1.94 -16.77 -3.90
CA ASN D 143 -1.47 -16.46 -2.56
C ASN D 143 -0.03 -16.86 -2.33
N GLU D 144 0.49 -17.81 -3.10
N GLU D 144 0.50 -17.80 -3.11
CA GLU D 144 1.88 -18.21 -2.97
CA GLU D 144 1.89 -18.19 -2.96
C GLU D 144 2.83 -17.09 -3.32
C GLU D 144 2.85 -17.10 -3.38
N TYR D 145 2.33 -16.08 -4.03
CA TYR D 145 3.16 -14.97 -4.45
C TYR D 145 3.14 -13.73 -3.55
N THR D 146 2.28 -13.69 -2.56
CA THR D 146 2.25 -12.53 -1.69
C THR D 146 3.58 -12.41 -0.97
N ALA D 147 4.15 -11.22 -1.04
CA ALA D 147 5.43 -10.88 -0.41
C ALA D 147 6.65 -11.40 -1.16
N GLU D 148 6.45 -12.08 -2.28
CA GLU D 148 7.57 -12.49 -3.11
C GLU D 148 8.23 -11.24 -3.68
N PRO D 149 9.57 -11.25 -3.80
CA PRO D 149 10.32 -10.06 -4.21
C PRO D 149 10.44 -9.91 -5.72
N ILE D 150 10.52 -8.66 -6.11
CA ILE D 150 11.14 -8.31 -7.38
C ILE D 150 12.67 -8.33 -7.14
N VAL D 151 13.37 -8.96 -8.06
CA VAL D 151 14.82 -9.16 -7.87
C VAL D 151 15.62 -8.55 -9.01
N THR D 152 16.90 -8.21 -8.73
CA THR D 152 17.84 -7.88 -9.78
C THR D 152 18.68 -9.08 -10.12
N GLN D 154 22.63 -11.07 -10.36
CA GLN D 154 23.86 -11.16 -9.59
C GLN D 154 25.01 -10.35 -10.22
N GLY D 155 26.03 -10.04 -9.41
CA GLY D 155 27.25 -9.44 -9.91
C GLY D 155 27.12 -7.98 -10.22
N GLU D 156 28.00 -7.50 -11.09
CA GLU D 156 28.10 -6.09 -11.34
C GLU D 156 27.35 -5.74 -12.60
N CYS D 157 26.56 -4.68 -12.52
CA CYS D 157 25.91 -4.17 -13.73
C CYS D 157 26.91 -3.42 -14.59
N ILE D 158 26.90 -3.71 -15.89
CA ILE D 158 27.85 -3.09 -16.82
C ILE D 158 27.27 -1.88 -17.57
N ASP D 159 26.05 -1.50 -17.24
CA ASP D 159 25.36 -0.55 -18.10
C ASP D 159 25.75 0.90 -17.96
N ASP D 160 26.40 1.29 -16.87
CA ASP D 160 26.58 2.72 -16.72
C ASP D 160 27.99 2.97 -17.24
N GLN D 161 28.02 3.20 -18.55
CA GLN D 161 29.27 3.43 -19.22
C GLN D 161 29.13 4.69 -20.01
N ASP D 162 30.23 5.41 -20.08
N ASP D 162 30.21 5.41 -20.22
CA ASP D 162 30.32 6.59 -20.89
CA ASP D 162 30.17 6.76 -20.83
C ASP D 162 31.02 6.09 -22.15
C ASP D 162 30.27 6.79 -22.39
N ILE D 163 30.17 5.66 -23.05
CA ILE D 163 30.46 5.34 -24.41
C ILE D 163 29.39 5.85 -25.34
N GLU D 164 29.74 6.04 -26.61
CA GLU D 164 28.78 6.36 -27.65
C GLU D 164 28.50 5.17 -28.53
N ILE D 165 27.22 4.93 -28.76
CA ILE D 165 26.79 3.93 -29.73
C ILE D 165 25.91 4.62 -30.78
N ALA D 166 26.21 4.39 -32.05
CA ALA D 166 25.40 4.85 -33.16
C ALA D 166 25.05 3.74 -34.17
N ASN D 167 25.79 2.65 -34.16
CA ASN D 167 25.52 1.56 -35.08
C ASN D 167 24.94 0.40 -34.28
N TYR D 168 23.69 0.07 -34.56
CA TYR D 168 22.95 -0.96 -33.81
C TYR D 168 22.87 -2.30 -34.53
N GLU D 169 23.62 -2.46 -35.62
CA GLU D 169 23.56 -3.71 -36.36
C GLU D 169 24.33 -4.82 -35.61
N PHE D 170 23.87 -6.06 -35.72
CA PHE D 170 24.51 -7.16 -34.99
C PHE D 170 25.97 -7.36 -35.44
N ASP D 171 26.91 -7.44 -34.49
CA ASP D 171 28.30 -7.69 -34.85
C ASP D 171 28.98 -8.55 -33.79
N ASP D 172 29.18 -9.83 -34.05
CA ASP D 172 29.84 -10.67 -33.06
C ASP D 172 31.30 -10.30 -32.96
N ALA D 173 31.86 -9.68 -34.01
CA ALA D 173 33.27 -9.31 -34.02
C ALA D 173 33.59 -8.21 -33.00
N LEU D 174 32.57 -7.63 -32.37
CA LEU D 174 32.81 -6.71 -31.27
C LEU D 174 33.52 -7.43 -30.12
N LEU D 175 33.40 -8.77 -30.07
CA LEU D 175 34.06 -9.53 -29.01
C LEU D 175 35.50 -9.92 -29.32
N GLN D 176 36.01 -9.58 -30.53
CA GLN D 176 37.37 -10.01 -30.88
C GLN D 176 38.38 -9.36 -29.95
N GLY D 177 39.19 -10.20 -29.32
CA GLY D 177 40.16 -9.70 -28.37
C GLY D 177 39.54 -9.12 -27.10
N ALA D 178 38.27 -9.41 -26.80
CA ALA D 178 37.64 -8.85 -25.61
C ALA D 178 38.16 -9.43 -24.29
N ALA D 179 38.78 -10.62 -24.28
CA ALA D 179 39.15 -11.13 -22.95
C ALA D 179 40.65 -11.18 -22.90
N GLN D 180 41.24 -10.11 -22.41
CA GLN D 180 42.71 -10.04 -22.32
C GLN D 180 43.26 -9.98 -20.94
N GLY D 181 42.36 -9.85 -19.99
CA GLY D 181 42.74 -9.47 -18.66
C GLY D 181 43.29 -10.65 -17.91
N GLU D 182 43.59 -10.44 -16.61
N GLU D 182 43.54 -10.42 -16.61
CA GLU D 182 44.05 -11.51 -15.74
CA GLU D 182 43.98 -11.43 -15.67
C GLU D 182 42.94 -12.54 -15.61
C GLU D 182 42.92 -12.53 -15.57
N GLU D 183 43.32 -13.75 -15.26
CA GLU D 183 42.33 -14.79 -15.03
C GLU D 183 41.50 -14.43 -13.82
N VAL D 184 40.18 -14.44 -13.96
CA VAL D 184 39.27 -14.06 -12.89
C VAL D 184 38.00 -14.92 -12.90
N SER D 185 37.30 -14.93 -11.79
CA SER D 185 35.92 -15.36 -11.74
C SER D 185 35.05 -14.10 -11.55
N GLU D 186 34.13 -13.86 -12.47
CA GLU D 186 33.30 -12.66 -12.42
C GLU D 186 31.86 -13.01 -12.76
N VAL D 187 30.96 -12.19 -12.23
CA VAL D 187 29.57 -12.16 -12.67
C VAL D 187 29.18 -10.75 -13.09
N LEU D 188 28.64 -10.63 -14.30
CA LEU D 188 28.30 -9.36 -14.89
C LEU D 188 26.85 -9.41 -15.35
N HIS D 189 26.14 -8.29 -15.33
CA HIS D 189 24.81 -8.32 -15.93
C HIS D 189 24.54 -6.98 -16.63
N SER D 190 23.52 -7.02 -17.46
CA SER D 190 23.02 -5.87 -18.20
C SER D 190 21.52 -5.93 -18.29
N HIS D 191 20.88 -4.76 -18.20
CA HIS D 191 19.43 -4.65 -18.44
C HIS D 191 19.11 -4.19 -19.86
N LEU D 192 20.14 -4.07 -20.71
CA LEU D 192 20.01 -3.37 -21.98
C LEU D 192 19.78 -4.31 -23.16
N LEU D 193 19.55 -5.61 -22.91
CA LEU D 193 19.31 -6.53 -23.99
C LEU D 193 17.96 -6.21 -24.66
N LYS D 194 17.97 -6.02 -25.98
CA LYS D 194 16.77 -5.86 -26.73
C LYS D 194 16.98 -6.54 -28.07
N SER D 195 15.96 -7.13 -28.63
CA SER D 195 16.01 -7.62 -30.00
C SER D 195 14.61 -7.48 -30.61
N ASN D 196 14.44 -7.95 -31.84
N ASN D 196 14.45 -7.90 -31.87
CA ASN D 196 13.10 -7.98 -32.42
CA ASN D 196 13.11 -7.99 -32.49
C ASN D 196 12.59 -9.42 -32.50
C ASN D 196 12.62 -9.44 -32.42
N CYS D 197 11.38 -9.63 -32.02
CA CYS D 197 10.82 -10.99 -31.90
C CYS D 197 10.54 -11.54 -33.26
N LEU D 198 11.10 -12.70 -33.57
CA LEU D 198 11.19 -13.19 -34.95
C LEU D 198 9.91 -13.21 -35.78
N ILE D 199 8.92 -13.94 -35.28
CA ILE D 199 7.69 -14.18 -36.02
C ILE D 199 6.69 -13.05 -35.90
N THR D 200 6.51 -12.58 -34.68
CA THR D 200 5.45 -11.63 -34.37
C THR D 200 5.92 -10.17 -34.36
N ASN D 201 7.22 -9.98 -34.53
CA ASN D 201 7.78 -8.66 -34.88
C ASN D 201 7.58 -7.50 -33.93
N GLN D 202 7.65 -7.75 -32.65
CA GLN D 202 7.61 -6.65 -31.70
C GLN D 202 8.95 -6.68 -30.95
N PRO D 203 9.32 -5.57 -30.28
CA PRO D 203 10.56 -5.59 -29.49
C PRO D 203 10.49 -6.63 -28.36
N ASP D 204 11.63 -7.26 -28.12
CA ASP D 204 11.90 -8.18 -26.99
C ASP D 204 12.78 -7.40 -25.98
N TRP D 205 12.47 -7.44 -24.70
CA TRP D 205 13.22 -6.72 -23.69
C TRP D 205 13.74 -7.72 -22.69
N GLY D 206 15.04 -7.66 -22.38
CA GLY D 206 15.60 -8.60 -21.44
C GLY D 206 16.76 -8.04 -20.61
N SER D 207 17.02 -8.74 -19.53
CA SER D 207 18.26 -8.58 -18.76
C SER D 207 19.06 -9.83 -18.86
N VAL D 208 20.38 -9.71 -18.83
CA VAL D 208 21.18 -10.91 -19.03
C VAL D 208 22.34 -10.93 -18.04
N GLU D 209 22.59 -12.11 -17.50
CA GLU D 209 23.61 -12.37 -16.46
C GLU D 209 24.64 -13.32 -17.04
N ILE D 210 25.91 -12.92 -16.96
CA ILE D 210 26.99 -13.69 -17.52
C ILE D 210 28.02 -13.98 -16.41
N ALA D 211 28.19 -15.26 -16.07
CA ALA D 211 29.15 -15.64 -15.03
C ALA D 211 30.26 -16.44 -15.70
N TYR D 212 31.53 -16.18 -15.39
CA TYR D 212 32.55 -16.92 -16.07
C TYR D 212 33.82 -16.98 -15.27
N HIS D 213 34.68 -17.91 -15.62
CA HIS D 213 36.04 -17.96 -15.13
C HIS D 213 36.93 -18.02 -16.32
N GLY D 214 37.81 -17.02 -16.46
CA GLY D 214 38.64 -16.89 -17.64
C GLY D 214 39.36 -15.58 -17.65
N ALA D 215 40.03 -15.25 -18.75
CA ALA D 215 40.64 -13.94 -18.89
C ALA D 215 39.57 -12.85 -18.75
N LYS D 216 39.87 -11.80 -18.01
CA LYS D 216 38.87 -10.79 -17.71
C LYS D 216 38.35 -10.11 -18.97
N ASN D 218 36.59 -7.33 -21.40
CA ASN D 218 36.45 -5.89 -21.57
C ASN D 218 34.96 -5.54 -21.54
N ARG D 219 34.56 -4.69 -20.59
CA ARG D 219 33.13 -4.38 -20.41
C ARG D 219 32.55 -3.50 -21.50
N GLU D 220 33.34 -2.66 -22.14
CA GLU D 220 32.83 -1.85 -23.26
C GLU D 220 32.52 -2.77 -24.46
N ALA D 221 33.44 -3.69 -24.77
CA ALA D 221 33.19 -4.64 -25.88
C ALA D 221 31.96 -5.49 -25.61
N LEU D 222 31.84 -5.97 -24.38
CA LEU D 222 30.69 -6.81 -24.03
C LEU D 222 29.40 -6.01 -24.17
N LEU D 223 29.37 -4.77 -23.66
CA LEU D 223 28.12 -4.01 -23.72
C LEU D 223 27.82 -3.67 -25.20
N ARG D 224 28.80 -3.25 -25.98
CA ARG D 224 28.53 -2.98 -27.42
C ARG D 224 27.98 -4.23 -28.12
N TYR D 225 28.56 -5.39 -27.80
CA TYR D 225 28.08 -6.64 -28.39
C TYR D 225 26.62 -6.91 -28.03
N LEU D 226 26.27 -6.75 -26.75
CA LEU D 226 24.90 -7.01 -26.33
C LEU D 226 23.96 -6.00 -26.97
N VAL D 227 24.36 -4.72 -27.04
CA VAL D 227 23.49 -3.70 -27.66
C VAL D 227 23.32 -3.98 -29.17
N SER D 228 24.27 -4.67 -29.75
CA SER D 228 24.17 -4.94 -31.19
C SER D 228 23.05 -5.91 -31.54
N PHE D 229 22.40 -6.50 -30.56
CA PHE D 229 21.21 -7.32 -30.81
C PHE D 229 19.96 -6.49 -31.11
N ARG D 230 20.06 -5.19 -30.89
CA ARG D 230 18.88 -4.34 -30.69
C ARG D 230 17.90 -4.40 -31.84
N GLU D 231 18.38 -4.49 -33.07
CA GLU D 231 17.50 -4.54 -34.22
C GLU D 231 17.60 -5.89 -34.94
N HIS D 232 17.98 -6.92 -34.23
CA HIS D 232 18.19 -8.23 -34.78
C HIS D 232 17.02 -9.15 -34.49
N ASN D 233 16.62 -9.96 -35.46
CA ASN D 233 15.53 -10.92 -35.25
C ASN D 233 16.00 -12.15 -34.51
N GLU D 234 15.31 -12.46 -33.42
CA GLU D 234 15.73 -13.48 -32.48
C GLU D 234 14.56 -14.20 -31.85
N PHE D 235 14.77 -15.43 -31.40
CA PHE D 235 14.00 -16.01 -30.31
C PHE D 235 14.88 -15.89 -29.07
N HIS D 236 14.27 -15.80 -27.91
CA HIS D 236 15.01 -15.59 -26.67
C HIS D 236 15.99 -16.71 -26.44
N GLU D 237 15.53 -17.93 -26.66
CA GLU D 237 16.39 -19.11 -26.49
C GLU D 237 17.59 -19.05 -27.41
N GLN D 238 17.34 -18.61 -28.63
N GLN D 238 17.32 -18.68 -28.66
CA GLN D 238 18.39 -18.57 -29.63
CA GLN D 238 18.34 -18.47 -29.67
C GLN D 238 19.38 -17.43 -29.38
C GLN D 238 19.36 -17.42 -29.28
N CYS D 239 18.90 -16.32 -28.83
N CYS D 239 18.88 -16.26 -28.82
CA CYS D 239 19.78 -15.22 -28.47
CA CYS D 239 19.77 -15.15 -28.48
C CYS D 239 20.75 -15.67 -27.39
C CYS D 239 20.73 -15.58 -27.35
N VAL D 240 20.22 -16.28 -26.36
CA VAL D 240 21.07 -16.76 -25.29
C VAL D 240 22.11 -17.76 -25.80
N GLU D 241 21.71 -18.70 -26.67
CA GLU D 241 22.70 -19.64 -27.21
C GLU D 241 23.76 -18.94 -28.07
N ARG D 242 23.34 -17.91 -28.82
N ARG D 242 23.36 -17.90 -28.81
CA ARG D 242 24.28 -17.11 -29.60
CA ARG D 242 24.32 -17.16 -29.62
C ARG D 242 25.29 -16.45 -28.68
C ARG D 242 25.30 -16.37 -28.72
N ILE D 243 24.81 -15.77 -27.63
CA ILE D 243 25.70 -15.05 -26.70
C ILE D 243 26.65 -16.06 -26.09
N PHE D 244 26.13 -17.22 -25.66
CA PHE D 244 27.03 -18.25 -25.08
C PHE D 244 28.12 -18.66 -26.07
N THR D 245 27.74 -19.03 -27.28
CA THR D 245 28.67 -19.57 -28.24
C THR D 245 29.64 -18.47 -28.71
N ASP D 246 29.19 -17.22 -28.83
CA ASP D 246 30.10 -16.13 -29.23
C ASP D 246 31.13 -15.87 -28.11
N ILE D 247 30.70 -15.82 -26.84
CA ILE D 247 31.66 -15.62 -25.78
C ILE D 247 32.61 -16.81 -25.72
N ARG D 249 33.71 -18.70 -28.14
CA ARG D 249 34.69 -18.72 -29.24
C ARG D 249 35.64 -17.52 -29.20
N TYR D 250 35.14 -16.34 -28.81
CA TYR D 250 36.02 -15.17 -28.77
C TYR D 250 36.82 -15.05 -27.48
N CYS D 251 36.20 -15.37 -26.34
CA CYS D 251 36.84 -15.19 -25.05
C CYS D 251 37.42 -16.42 -24.37
N GLN D 252 36.99 -17.60 -24.83
CA GLN D 252 37.46 -18.88 -24.31
C GLN D 252 37.63 -18.99 -22.81
N PRO D 253 36.58 -18.66 -22.05
CA PRO D 253 36.63 -18.92 -20.61
C PRO D 253 36.67 -20.43 -20.31
N GLN D 254 37.18 -20.83 -19.14
CA GLN D 254 37.15 -22.23 -18.73
C GLN D 254 35.75 -22.66 -18.40
N SER D 255 34.94 -21.72 -17.91
CA SER D 255 33.54 -22.02 -17.56
C SER D 255 32.72 -20.77 -17.79
N LEU D 256 31.44 -21.00 -18.14
CA LEU D 256 30.57 -19.90 -18.56
C LEU D 256 29.11 -20.23 -18.31
N THR D 257 28.37 -19.23 -17.83
CA THR D 257 26.89 -19.32 -17.75
C THR D 257 26.32 -18.06 -18.31
N VAL D 258 25.34 -18.20 -19.22
CA VAL D 258 24.61 -17.06 -19.75
C VAL D 258 23.13 -17.29 -19.44
N TYR D 259 22.52 -16.34 -18.76
CA TYR D 259 21.13 -16.46 -18.33
C TYR D 259 20.42 -15.17 -18.62
N ALA D 260 19.36 -15.21 -19.41
CA ALA D 260 18.58 -14.00 -19.71
C ALA D 260 17.15 -14.18 -19.22
N ARG D 261 16.60 -13.07 -18.75
CA ARG D 261 15.23 -12.99 -18.29
C ARG D 261 14.52 -11.89 -19.10
N TYR D 262 13.52 -12.32 -19.87
CA TYR D 262 12.81 -11.44 -20.77
C TYR D 262 11.42 -11.08 -20.23
N THR D 263 10.95 -9.90 -20.60
CA THR D 263 9.62 -9.49 -20.27
C THR D 263 8.63 -10.34 -21.07
N ARG D 264 7.45 -10.53 -20.50
CA ARG D 264 6.43 -11.37 -21.12
C ARG D 264 5.93 -10.74 -22.41
N LEU D 265 5.53 -11.70 -23.25
N LEU D 265 5.46 -11.68 -23.20
CA LEU D 265 4.74 -11.40 -24.44
CA LEU D 265 4.72 -11.33 -24.38
C LEU D 265 3.48 -12.21 -24.28
C LEU D 265 3.49 -12.20 -24.37
N GLY D 266 2.31 -11.58 -24.41
CA GLY D 266 1.05 -12.33 -24.43
C GLY D 266 0.90 -13.13 -23.12
N GLY D 267 1.38 -12.59 -21.99
CA GLY D 267 1.11 -13.22 -20.70
C GLY D 267 2.11 -14.25 -20.26
N LEU D 268 3.18 -14.48 -21.03
N LEU D 268 3.11 -14.55 -21.12
CA LEU D 268 4.10 -15.47 -20.55
CA LEU D 268 4.17 -15.58 -20.91
C LEU D 268 5.49 -15.03 -20.95
C LEU D 268 5.55 -14.97 -21.00
N ASP D 269 6.45 -15.34 -20.10
CA ASP D 269 7.83 -14.97 -20.31
C ASP D 269 8.74 -16.20 -20.42
N ILE D 270 9.93 -15.99 -20.98
CA ILE D 270 10.92 -17.03 -21.22
C ILE D 270 12.24 -16.56 -20.67
N ASN D 271 12.91 -17.46 -19.96
CA ASN D 271 14.15 -17.18 -19.21
C ASN D 271 15.13 -18.27 -19.52
N PRO D 272 15.85 -18.15 -20.66
CA PRO D 272 16.75 -19.25 -21.04
C PRO D 272 18.07 -19.20 -20.25
N PHE D 273 18.48 -20.37 -19.80
CA PHE D 273 19.70 -20.54 -18.98
C PHE D 273 20.59 -21.51 -19.74
N ARG D 274 21.82 -21.12 -20.07
CA ARG D 274 22.77 -22.00 -20.77
C ARG D 274 24.11 -21.96 -20.09
N SER D 275 24.72 -23.11 -19.81
CA SER D 275 25.92 -23.12 -19.01
C SER D 275 26.83 -24.26 -19.44
N SER D 276 28.14 -24.08 -19.26
CA SER D 276 29.06 -25.19 -19.41
C SER D 276 28.94 -26.19 -18.28
N HIS D 277 28.81 -25.68 -17.06
CA HIS D 277 28.88 -26.48 -15.83
C HIS D 277 27.70 -26.49 -14.83
N GLN D 278 26.74 -25.57 -15.00
CA GLN D 278 25.58 -25.42 -14.11
C GLN D 278 24.30 -25.84 -14.85
N SER D 279 23.31 -26.37 -14.13
CA SER D 279 22.04 -26.87 -14.71
C SER D 279 20.84 -25.91 -14.88
N ALA D 280 20.67 -24.96 -13.95
CA ALA D 280 19.44 -24.16 -13.86
C ALA D 280 19.67 -23.08 -12.86
N PRO D 281 18.91 -22.01 -12.98
CA PRO D 281 19.00 -20.98 -11.95
C PRO D 281 18.38 -21.50 -10.67
N ASN D 282 18.66 -20.84 -9.54
N ASN D 282 18.66 -20.79 -9.57
CA ASN D 282 18.13 -21.31 -8.24
CA ASN D 282 18.23 -21.21 -8.24
C ASN D 282 16.61 -21.14 -8.04
C ASN D 282 16.78 -20.85 -7.80
N HIS D 283 16.08 -20.10 -8.65
N HIS D 283 16.18 -19.85 -8.46
CA HIS D 283 14.69 -19.75 -8.47
CA HIS D 283 14.75 -19.58 -8.35
C HIS D 283 14.23 -19.06 -9.72
C HIS D 283 14.23 -19.04 -9.68
N ASN D 284 12.94 -18.79 -9.76
CA ASN D 284 12.29 -18.08 -10.85
C ASN D 284 11.69 -16.75 -10.41
N GLN D 285 12.42 -16.01 -9.59
CA GLN D 285 11.91 -14.73 -9.18
C GLN D 285 11.91 -13.70 -10.28
N ARG D 286 10.86 -12.88 -10.34
CA ARG D 286 10.73 -11.93 -11.44
C ARG D 286 11.63 -10.69 -11.25
N ALA D 288 12.35 -6.46 -12.46
CA ALA D 288 11.48 -5.28 -12.39
C ALA D 288 10.51 -5.13 -13.54
N ARG D 289 10.97 -5.41 -14.75
CA ARG D 289 10.13 -5.20 -15.94
C ARG D 289 9.28 -6.42 -16.24
N GLN D 290 9.59 -7.53 -15.59
CA GLN D 290 8.85 -8.76 -15.87
C GLN D 290 7.52 -8.77 -15.17
#